data_5MS4
#
_entry.id   5MS4
#
_cell.length_a   83.103
_cell.length_b   46.045
_cell.length_c   103.349
_cell.angle_alpha   90.00
_cell.angle_beta   91.40
_cell.angle_gamma   90.00
#
_symmetry.space_group_name_H-M   'P 1 21 1'
#
loop_
_entity.id
_entity.type
_entity.pdbx_description
1 polymer Kallikrein-8
2 polymer LEUPEPTIN
3 non-polymer 'TERTIARY-BUTYL ALCOHOL'
4 non-polymer 'CALCIUM ION'
5 water water
#
loop_
_entity_poly.entity_id
_entity_poly.type
_entity_poly.pdbx_seq_one_letter_code
_entity_poly.pdbx_strand_id
1 'polypeptide(L)'
;VLGGHECQPHSQPWQAALFQGQQLLCGGVLVGGNWVLTAAHCKKPKYTVRLGDHSLQNKDGPEQEIPVVQSIPHPCYNSS
DVEDHNHDLMLLQLRDQASLGSKVKPISLADHCTQPGQKCTVSGWGTVTSPRENFPDTLNCAEVKIFPQKKCEDAYPGQI
TDGMVCAGSSKGADTCQGDSGGPLVCDGALQGITSWGSDPCGRSDKPGVYTNICRYLDWIKKIIGSKG
;
A,B,C,D
2 'polypeptide(L)' (ACE)LL(AR7) E,F,G,H
#
# COMPACT_ATOMS: atom_id res chain seq x y z
N VAL A 1 17.30 10.57 18.51
CA VAL A 1 17.15 10.31 19.93
C VAL A 1 18.46 10.57 20.67
N LEU A 2 18.49 11.63 21.46
CA LEU A 2 19.61 11.94 22.34
C LEU A 2 19.38 11.37 23.72
N GLY A 3 20.44 11.37 24.53
CA GLY A 3 20.37 10.88 25.89
C GLY A 3 19.77 9.49 25.99
N GLY A 4 20.06 8.66 24.98
CA GLY A 4 19.49 7.34 24.89
C GLY A 4 20.57 6.29 24.62
N HIS A 5 20.14 5.21 24.00
CA HIS A 5 21.00 4.04 23.80
C HIS A 5 20.37 3.16 22.74
N GLU A 6 21.20 2.29 22.16
CA GLU A 6 20.69 1.31 21.20
C GLU A 6 19.79 0.32 21.94
N CYS A 7 18.55 0.20 21.48
CA CYS A 7 17.63 -0.73 22.10
C CYS A 7 18.09 -2.17 21.88
N GLN A 8 17.50 -3.07 22.65
CA GLN A 8 17.58 -4.49 22.30
C GLN A 8 16.89 -4.69 20.95
N PRO A 9 17.49 -5.43 20.03
CA PRO A 9 16.86 -5.62 18.72
C PRO A 9 15.45 -6.19 18.87
N HIS A 10 14.50 -5.52 18.21
CA HIS A 10 13.11 -5.98 18.14
C HIS A 10 12.47 -6.05 19.52
N SER A 11 12.98 -5.26 20.47
CA SER A 11 12.31 -5.05 21.75
C SER A 11 11.16 -4.08 21.65
N GLN A 12 11.05 -3.33 20.54
CA GLN A 12 9.90 -2.50 20.22
C GLN A 12 9.32 -3.03 18.92
N PRO A 13 8.59 -4.14 18.98
CA PRO A 13 8.10 -4.77 17.74
C PRO A 13 7.10 -3.93 16.97
N TRP A 14 6.48 -2.94 17.62
CA TRP A 14 5.58 -2.01 16.96
C TRP A 14 6.32 -0.94 16.17
N GLN A 15 7.65 -0.85 16.31
CA GLN A 15 8.40 0.18 15.63
C GLN A 15 8.34 0.01 14.12
N ALA A 16 8.10 1.11 13.42
CA ALA A 16 8.10 1.14 11.97
C ALA A 16 8.91 2.35 11.51
N ALA A 17 9.31 2.32 10.24
CA ALA A 17 10.06 3.41 9.63
C ALA A 17 9.53 3.65 8.22
N LEU A 18 9.53 4.92 7.84
CA LEU A 18 9.03 5.33 6.53
C LEU A 18 10.22 5.65 5.64
N PHE A 19 10.28 5.02 4.47
CA PHE A 19 11.44 5.05 3.61
C PHE A 19 11.09 5.54 2.22
N GLN A 20 12.10 6.06 1.53
CA GLN A 20 12.05 6.32 0.09
C GLN A 20 13.27 5.63 -0.50
N GLY A 21 13.07 4.42 -1.02
CA GLY A 21 14.20 3.60 -1.40
C GLY A 21 15.03 3.27 -0.19
N GLN A 22 16.16 3.96 -0.04
CA GLN A 22 17.08 3.76 1.08
C GLN A 22 17.43 5.13 1.69
N GLN A 23 16.40 5.93 1.95
CA GLN A 23 16.51 7.15 2.75
C GLN A 23 15.42 7.12 3.80
N LEU A 24 15.82 7.23 5.06
CA LEU A 24 14.88 7.21 6.17
C LEU A 24 14.16 8.56 6.27
N LEU A 25 12.84 8.52 6.36
CA LEU A 25 12.02 9.72 6.35
C LEU A 25 11.47 10.04 7.74
N CYS A 26 10.78 9.08 8.36
CA CYS A 26 10.17 9.28 9.67
C CYS A 26 10.10 7.94 10.39
N GLY A 27 9.56 7.97 11.60
CA GLY A 27 9.24 6.76 12.33
C GLY A 27 7.82 6.32 12.08
N GLY A 28 7.37 5.35 12.88
CA GLY A 28 6.02 4.84 12.77
C GLY A 28 5.71 3.96 13.96
N VAL A 29 4.42 3.66 14.11
CA VAL A 29 3.94 2.84 15.23
C VAL A 29 2.90 1.86 14.70
N LEU A 30 3.20 0.57 14.80
CA LEU A 30 2.27 -0.46 14.33
C LEU A 30 1.09 -0.55 15.28
N VAL A 31 -0.08 -0.11 14.83
CA VAL A 31 -1.26 -0.02 15.69
C VAL A 31 -2.21 -1.16 15.37
N GLY A 32 -2.27 -1.56 14.11
CA GLY A 32 -3.07 -2.70 13.70
C GLY A 32 -2.24 -3.69 12.91
N GLY A 33 -2.88 -4.81 12.57
CA GLY A 33 -2.25 -5.76 11.66
C GLY A 33 -1.94 -5.14 10.32
N ASN A 34 -2.82 -4.26 9.85
CA ASN A 34 -2.69 -3.56 8.57
C ASN A 34 -2.84 -2.06 8.78
N TRP A 35 -2.19 -1.52 9.82
CA TRP A 35 -2.33 -0.11 10.15
C TRP A 35 -1.09 0.38 10.87
N VAL A 36 -0.55 1.52 10.45
CA VAL A 36 0.58 2.17 11.09
C VAL A 36 0.19 3.60 11.43
N LEU A 37 0.56 4.05 12.62
CA LEU A 37 0.21 5.37 13.13
C LEU A 37 1.48 6.21 13.23
N THR A 38 1.51 7.33 12.50
CA THR A 38 2.70 8.17 12.43
C THR A 38 2.28 9.64 12.46
N ALA A 39 3.28 10.51 12.41
CA ALA A 39 3.02 11.96 12.44
C ALA A 39 2.50 12.44 11.10
N ALA A 40 1.47 13.29 11.14
CA ALA A 40 0.86 13.79 9.92
C ALA A 40 1.84 14.57 9.05
N HIS A 41 2.81 15.24 9.67
CA HIS A 41 3.75 16.05 8.91
C HIS A 41 4.82 15.22 8.22
N CYS A 42 4.73 13.88 8.28
CA CYS A 42 5.62 12.99 7.55
C CYS A 42 5.04 12.58 6.20
N LYS A 43 3.97 13.24 5.75
CA LYS A 43 3.28 12.81 4.54
C LYS A 43 4.10 13.12 3.30
N LYS A 44 4.11 12.18 2.36
CA LYS A 44 4.84 12.26 1.11
C LYS A 44 4.13 11.37 0.12
N PRO A 45 4.11 11.72 -1.16
CA PRO A 45 3.42 10.85 -2.14
C PRO A 45 3.97 9.44 -2.21
N LYS A 46 5.19 9.20 -1.72
CA LYS A 46 5.90 7.95 -1.99
C LYS A 46 6.66 7.53 -0.75
N TYR A 47 6.23 6.45 -0.09
CA TYR A 47 7.08 5.88 0.95
C TYR A 47 6.77 4.42 1.22
N THR A 48 7.76 3.74 1.76
CA THR A 48 7.69 2.34 2.17
C THR A 48 7.65 2.27 3.70
N VAL A 49 6.74 1.47 4.23
CA VAL A 49 6.75 1.15 5.65
C VAL A 49 7.64 -0.07 5.85
N ARG A 50 8.62 0.07 6.75
CA ARG A 50 9.58 -0.99 7.03
C ARG A 50 9.43 -1.44 8.48
N LEU A 51 9.13 -2.71 8.66
CA LEU A 51 8.84 -3.29 9.96
C LEU A 51 9.91 -4.27 10.37
N GLY A 52 10.06 -4.46 11.68
CA GLY A 52 10.99 -5.42 12.24
C GLY A 52 12.43 -5.20 11.82
N ASP A 53 12.89 -3.96 11.91
CA ASP A 53 14.27 -3.61 11.59
C ASP A 53 14.99 -3.13 12.84
N HIS A 54 16.28 -3.44 12.92
CA HIS A 54 17.13 -2.85 13.95
C HIS A 54 18.29 -2.07 13.35
N SER A 55 19.08 -2.67 12.49
CA SER A 55 20.24 -2.03 11.88
C SER A 55 19.94 -1.78 10.41
N LEU A 56 19.92 -0.50 10.02
CA LEU A 56 19.72 -0.17 8.61
C LEU A 56 20.84 -0.76 7.76
N GLN A 57 22.05 -0.79 8.31
CA GLN A 57 23.23 -1.24 7.59
C GLN A 57 23.14 -2.73 7.25
N ASN A 58 22.69 -3.54 8.20
CA ASN A 58 22.84 -4.99 8.12
C ASN A 58 21.48 -5.68 8.16
N LYS A 59 21.49 -6.95 7.78
CA LYS A 59 20.29 -7.78 7.83
C LYS A 59 20.06 -8.26 9.26
N ASP A 60 18.89 -7.95 9.80
CA ASP A 60 18.50 -8.40 11.14
C ASP A 60 17.65 -9.66 11.11
N GLY A 61 16.84 -9.84 10.07
CA GLY A 61 16.09 -11.06 9.86
C GLY A 61 14.58 -10.93 9.78
N PRO A 62 13.94 -10.17 10.72
CA PRO A 62 12.50 -9.91 10.64
C PRO A 62 12.13 -8.64 9.87
N GLU A 63 12.76 -8.44 8.71
CA GLU A 63 12.48 -7.27 7.90
C GLU A 63 11.27 -7.53 7.00
N GLN A 64 10.28 -6.64 7.08
CA GLN A 64 9.11 -6.68 6.23
C GLN A 64 8.95 -5.31 5.57
N GLU A 65 9.31 -5.21 4.29
CA GLU A 65 8.87 -4.06 3.52
C GLU A 65 7.37 -4.21 3.25
N ILE A 66 6.62 -3.13 3.49
CA ILE A 66 5.19 -3.12 3.28
C ILE A 66 4.78 -1.83 2.60
N PRO A 67 4.13 -1.87 1.44
CA PRO A 67 3.63 -0.65 0.82
C PRO A 67 2.41 -0.11 1.57
N VAL A 68 2.14 1.16 1.34
CA VAL A 68 0.98 1.84 1.91
C VAL A 68 -0.10 1.93 0.84
N VAL A 69 -1.33 1.57 1.21
CA VAL A 69 -2.47 1.68 0.31
C VAL A 69 -3.46 2.74 0.75
N GLN A 70 -3.15 3.49 1.81
CA GLN A 70 -3.99 4.60 2.22
C GLN A 70 -3.20 5.51 3.15
N SER A 71 -3.12 6.80 2.80
CA SER A 71 -2.54 7.82 3.66
C SER A 71 -3.69 8.61 4.27
N ILE A 72 -3.94 8.40 5.55
CA ILE A 72 -5.07 9.01 6.25
C ILE A 72 -4.53 9.90 7.36
N PRO A 73 -4.44 11.21 7.12
CA PRO A 73 -4.05 12.13 8.20
C PRO A 73 -5.26 12.58 9.00
N HIS A 74 -5.02 13.35 10.05
CA HIS A 74 -6.12 13.85 10.85
C HIS A 74 -6.86 14.94 10.06
N PRO A 75 -8.19 14.91 10.02
CA PRO A 75 -8.94 15.91 9.22
C PRO A 75 -8.92 17.31 9.82
N CYS A 76 -8.37 17.49 11.01
CA CYS A 76 -8.20 18.82 11.60
C CYS A 76 -6.76 19.29 11.53
N TYR A 77 -5.90 18.57 10.84
CA TYR A 77 -4.53 19.00 10.61
C TYR A 77 -4.47 19.92 9.40
N ASN A 78 -3.48 20.80 9.38
CA ASN A 78 -3.27 21.71 8.25
C ASN A 78 -1.77 21.82 8.01
N SER A 79 -1.32 21.30 6.86
CA SER A 79 0.09 21.24 6.51
C SER A 79 0.59 22.52 5.86
N SER A 80 -0.07 23.65 6.14
CA SER A 80 0.22 24.91 5.45
C SER A 80 1.15 25.82 6.24
N ASP A 81 0.78 26.18 7.46
CA ASP A 81 1.58 27.10 8.26
C ASP A 81 2.52 26.33 9.18
N VAL A 82 3.80 26.71 9.14
CA VAL A 82 4.83 25.97 9.87
C VAL A 82 4.71 26.17 11.39
N GLU A 83 4.05 27.24 11.83
CA GLU A 83 3.95 27.51 13.26
C GLU A 83 2.94 26.62 13.98
N ASP A 84 1.94 26.11 13.27
CA ASP A 84 0.89 25.30 13.87
C ASP A 84 1.18 23.83 13.65
N HIS A 85 1.16 23.06 14.73
CA HIS A 85 1.43 21.63 14.71
C HIS A 85 0.26 20.83 15.30
N ASN A 86 -0.94 21.39 15.23
CA ASN A 86 -2.10 20.80 15.89
C ASN A 86 -2.64 19.63 15.07
N HIS A 87 -3.02 18.56 15.78
CA HIS A 87 -3.53 17.33 15.17
C HIS A 87 -2.48 16.70 14.26
N ASP A 88 -1.23 16.72 14.68
CA ASP A 88 -0.14 16.12 13.92
C ASP A 88 -0.20 14.61 14.10
N LEU A 89 -1.16 13.99 13.41
CA LEU A 89 -1.45 12.58 13.57
C LEU A 89 -1.91 12.00 12.24
N MET A 90 -1.38 10.82 11.90
CA MET A 90 -1.70 10.19 10.64
C MET A 90 -1.68 8.67 10.80
N LEU A 91 -2.67 8.00 10.21
CA LEU A 91 -2.73 6.55 10.17
C LEU A 91 -2.51 6.09 8.73
N LEU A 92 -1.65 5.10 8.55
CA LEU A 92 -1.30 4.58 7.24
C LEU A 92 -1.72 3.12 7.16
N GLN A 93 -2.61 2.80 6.23
CA GLN A 93 -3.03 1.42 6.05
C GLN A 93 -2.00 0.67 5.22
N LEU A 94 -1.66 -0.53 5.67
CA LEU A 94 -0.69 -1.36 4.97
C LEU A 94 -1.38 -2.21 3.92
N ARG A 95 -0.62 -2.58 2.88
CA ARG A 95 -1.20 -3.32 1.76
C ARG A 95 -1.69 -4.69 2.22
N ASP A 96 -0.94 -5.36 3.08
CA ASP A 96 -1.32 -6.65 3.63
C ASP A 96 -1.04 -6.66 5.12
N GLN A 97 -1.62 -7.65 5.79
CA GLN A 97 -1.34 -7.86 7.21
C GLN A 97 0.14 -8.16 7.40
N ALA A 98 0.79 -7.45 8.31
CA ALA A 98 2.17 -7.73 8.64
C ALA A 98 2.29 -9.10 9.33
N SER A 99 3.39 -9.79 9.06
CA SER A 99 3.62 -11.11 9.65
C SER A 99 3.89 -10.94 11.14
N LEU A 100 2.91 -11.29 11.97
CA LEU A 100 2.97 -10.98 13.39
C LEU A 100 3.75 -12.06 14.16
N GLY A 101 3.95 -11.80 15.44
CA GLY A 101 4.73 -12.62 16.33
C GLY A 101 5.38 -11.77 17.41
N SER A 102 6.57 -12.19 17.84
CA SER A 102 7.24 -11.53 18.96
C SER A 102 8.18 -10.41 18.53
N LYS A 103 8.66 -10.39 17.29
CA LYS A 103 9.50 -9.30 16.83
C LYS A 103 8.74 -8.29 15.97
N VAL A 104 7.53 -8.61 15.52
CA VAL A 104 6.64 -7.67 14.84
C VAL A 104 5.27 -7.83 15.47
N LYS A 105 4.81 -6.79 16.18
CA LYS A 105 3.58 -6.89 16.95
C LYS A 105 2.87 -5.54 17.01
N PRO A 106 1.55 -5.52 16.85
CA PRO A 106 0.81 -4.26 17.04
C PRO A 106 0.77 -3.87 18.51
N ILE A 107 1.01 -2.58 18.78
CA ILE A 107 0.95 -2.04 20.14
C ILE A 107 -0.50 -1.63 20.42
N SER A 108 -0.93 -1.81 21.66
CA SER A 108 -2.28 -1.44 22.05
C SER A 108 -2.39 0.06 22.25
N LEU A 109 -3.60 0.58 22.03
CA LEU A 109 -3.88 1.98 22.30
C LEU A 109 -4.20 2.16 23.78
N ALA A 110 -3.56 3.15 24.40
CA ALA A 110 -3.87 3.47 25.80
C ALA A 110 -5.33 3.87 25.91
N ASP A 111 -6.03 3.27 26.89
CA ASP A 111 -7.42 3.55 27.13
C ASP A 111 -7.64 4.59 28.22
N HIS A 112 -6.56 5.11 28.80
CA HIS A 112 -6.63 6.15 29.81
C HIS A 112 -5.70 7.29 29.39
N CYS A 113 -6.01 8.50 29.86
CA CYS A 113 -5.12 9.61 29.61
C CYS A 113 -3.96 9.58 30.60
N THR A 114 -2.88 10.24 30.22
CA THR A 114 -1.64 10.19 30.99
C THR A 114 -1.74 11.04 32.24
N GLN A 115 -0.64 11.07 33.00
CA GLN A 115 -0.49 11.91 34.18
C GLN A 115 0.95 12.38 34.20
N PRO A 116 1.20 13.63 34.61
CA PRO A 116 2.59 14.12 34.69
C PRO A 116 3.43 13.24 35.62
N GLY A 117 4.68 13.03 35.23
CA GLY A 117 5.56 12.15 35.96
C GLY A 117 5.49 10.69 35.56
N GLN A 118 4.60 10.32 34.64
CA GLN A 118 4.45 8.92 34.28
C GLN A 118 5.57 8.45 33.37
N LYS A 119 6.18 7.36 33.78
CA LYS A 119 7.22 6.63 33.06
C LYS A 119 6.83 6.32 31.63
N CYS A 120 7.65 6.73 30.65
CA CYS A 120 7.41 6.44 29.24
C CYS A 120 8.73 6.28 28.49
N THR A 121 8.65 5.73 27.27
CA THR A 121 9.83 5.51 26.43
C THR A 121 9.59 6.02 25.02
N VAL A 122 10.68 6.42 24.36
CA VAL A 122 10.66 6.84 22.96
C VAL A 122 11.75 6.08 22.23
N SER A 123 11.58 5.94 20.91
CA SER A 123 12.53 5.17 20.11
C SER A 123 12.56 5.71 18.68
N GLY A 124 13.73 5.65 18.07
CA GLY A 124 13.86 6.07 16.68
C GLY A 124 15.30 5.97 16.21
N TRP A 125 15.46 6.03 14.89
CA TRP A 125 16.76 6.10 14.24
C TRP A 125 17.20 7.54 13.98
N GLY A 126 16.56 8.52 14.61
CA GLY A 126 16.94 9.90 14.43
C GLY A 126 18.28 10.19 15.06
N THR A 127 18.82 11.36 14.71
CA THR A 127 20.16 11.74 15.14
C THR A 127 20.26 11.74 16.66
N VAL A 128 21.44 11.36 17.15
CA VAL A 128 21.71 11.31 18.58
C VAL A 128 22.54 12.48 19.06
N THR A 129 22.87 13.41 18.16
CA THR A 129 23.67 14.58 18.49
C THR A 129 22.96 15.84 18.00
N SER A 130 23.06 16.91 18.79
CA SER A 130 22.52 18.20 18.43
C SER A 130 23.47 19.24 19.03
N PRO A 131 23.82 20.29 18.29
CA PRO A 131 23.30 20.68 16.97
C PRO A 131 23.90 19.91 15.79
N ARG A 132 25.18 19.56 15.84
CA ARG A 132 25.76 18.76 14.78
C ARG A 132 25.07 17.40 14.73
N GLU A 133 24.77 16.94 13.51
CA GLU A 133 23.96 15.74 13.32
C GLU A 133 24.78 14.63 12.68
N ASN A 134 24.90 13.51 13.39
CA ASN A 134 25.30 12.25 12.80
C ASN A 134 24.20 11.24 13.10
N PHE A 135 23.94 10.35 12.16
CA PHE A 135 22.76 9.54 12.37
C PHE A 135 23.12 8.11 12.76
N PRO A 136 22.25 7.44 13.52
CA PRO A 136 22.53 6.08 13.96
C PRO A 136 22.13 5.01 12.94
N ASP A 137 22.99 4.00 12.82
CA ASP A 137 22.65 2.82 12.03
C ASP A 137 21.62 1.96 12.74
N THR A 138 21.72 1.83 14.06
CA THR A 138 20.86 0.96 14.84
C THR A 138 19.78 1.77 15.56
N LEU A 139 18.69 1.08 15.91
CA LEU A 139 17.58 1.72 16.59
C LEU A 139 17.97 2.13 18.00
N ASN A 140 17.66 3.38 18.35
CA ASN A 140 17.96 3.91 19.68
C ASN A 140 16.69 4.16 20.46
N CYS A 141 16.78 3.96 21.78
CA CYS A 141 15.67 4.16 22.69
C CYS A 141 16.11 5.07 23.81
N ALA A 142 15.12 5.64 24.52
CA ALA A 142 15.39 6.51 25.65
C ALA A 142 14.12 6.64 26.48
N GLU A 143 14.31 6.88 27.77
CA GLU A 143 13.20 7.07 28.69
C GLU A 143 12.95 8.55 28.92
N VAL A 144 11.66 8.93 28.94
CA VAL A 144 11.25 10.31 29.16
C VAL A 144 10.07 10.31 30.12
N LYS A 145 9.76 11.51 30.63
CA LYS A 145 8.64 11.72 31.53
C LYS A 145 7.70 12.78 30.96
N ILE A 146 6.41 12.52 31.05
CA ILE A 146 5.40 13.40 30.48
C ILE A 146 5.24 14.62 31.38
N PHE A 147 5.26 15.80 30.76
CA PHE A 147 5.22 17.05 31.50
C PHE A 147 3.78 17.43 31.86
N PRO A 148 3.60 18.24 32.91
CA PRO A 148 2.28 18.83 33.15
C PRO A 148 1.91 19.75 32.00
N GLN A 149 0.62 19.74 31.65
CA GLN A 149 0.17 20.54 30.52
C GLN A 149 0.43 22.02 30.73
N LYS A 150 0.46 22.47 31.98
CA LYS A 150 0.76 23.87 32.27
C LYS A 150 2.23 24.19 32.00
N LYS A 151 3.14 23.35 32.51
CA LYS A 151 4.55 23.55 32.21
C LYS A 151 4.84 23.32 30.74
N CYS A 152 4.09 22.41 30.11
CA CYS A 152 4.16 22.25 28.65
C CYS A 152 3.84 23.56 27.95
N GLU A 153 2.76 24.24 28.37
CA GLU A 153 2.35 25.48 27.75
C GLU A 153 3.30 26.63 28.02
N ASP A 154 4.11 26.56 29.09
CA ASP A 154 5.02 27.65 29.41
C ASP A 154 6.26 27.62 28.54
N ALA A 155 6.75 26.45 28.18
CA ALA A 155 7.92 26.34 27.32
C ALA A 155 7.61 26.67 25.87
N TYR A 156 6.35 26.54 25.47
CA TYR A 156 5.91 26.87 24.11
C TYR A 156 4.63 27.68 24.23
N PRO A 157 4.74 28.98 24.51
CA PRO A 157 3.54 29.78 24.76
C PRO A 157 2.65 29.86 23.52
N GLY A 158 1.36 29.56 23.71
CA GLY A 158 0.43 29.60 22.60
C GLY A 158 0.76 28.66 21.47
N GLN A 159 1.41 27.54 21.76
CA GLN A 159 1.71 26.53 20.76
C GLN A 159 1.19 25.14 21.12
N ILE A 160 0.65 24.96 22.33
CA ILE A 160 0.30 23.65 22.85
C ILE A 160 -1.21 23.54 22.94
N THR A 161 -1.78 22.51 22.32
CA THR A 161 -3.21 22.25 22.36
C THR A 161 -3.49 21.13 23.37
N ASP A 162 -4.78 20.84 23.56
CA ASP A 162 -5.18 19.69 24.37
C ASP A 162 -4.92 18.37 23.64
N GLY A 163 -4.74 18.41 22.33
CA GLY A 163 -4.41 17.24 21.57
C GLY A 163 -2.91 17.03 21.46
N MET A 164 -2.17 17.61 22.39
CA MET A 164 -0.73 17.43 22.49
C MET A 164 -0.37 17.05 23.92
N VAL A 165 0.88 16.66 24.10
CA VAL A 165 1.43 16.37 25.41
C VAL A 165 2.93 16.51 25.32
N CYS A 166 3.53 16.99 26.41
CA CYS A 166 4.97 17.17 26.48
C CYS A 166 5.60 15.97 27.17
N ALA A 167 6.78 15.57 26.67
CA ALA A 167 7.59 14.57 27.33
C ALA A 167 9.04 15.02 27.26
N GLY A 168 9.76 14.89 28.37
CA GLY A 168 11.14 15.36 28.39
C GLY A 168 11.92 14.67 29.49
N SER A 169 13.22 14.97 29.48
CA SER A 169 14.13 14.45 30.49
C SER A 169 15.20 15.49 30.75
N SER A 170 15.44 15.77 32.04
CA SER A 170 16.55 16.62 32.42
C SER A 170 17.88 16.04 31.95
N LYS A 171 17.99 14.71 32.02
CA LYS A 171 19.23 13.97 31.84
C LYS A 171 19.68 13.90 30.38
N GLY A 172 18.95 14.50 29.46
CA GLY A 172 19.37 14.62 28.07
C GLY A 172 18.55 13.81 27.09
N ALA A 173 17.54 13.07 27.54
CA ALA A 173 16.78 12.20 26.65
C ALA A 173 15.68 13.00 25.97
N ASP A 174 15.78 13.12 24.65
CA ASP A 174 14.75 13.80 23.86
C ASP A 174 14.92 13.41 22.41
N THR A 175 13.81 13.10 21.74
CA THR A 175 13.82 12.80 20.32
C THR A 175 14.39 14.00 19.54
N CYS A 176 14.72 13.76 18.28
CA CYS A 176 15.29 14.80 17.44
C CYS A 176 14.85 14.54 16.00
N GLN A 177 15.50 15.19 15.05
CA GLN A 177 15.16 14.98 13.65
C GLN A 177 15.38 13.52 13.25
N GLY A 178 14.43 12.97 12.52
CA GLY A 178 14.42 11.57 12.16
C GLY A 178 13.57 10.70 13.05
N ASP A 179 13.12 11.23 14.19
CA ASP A 179 12.32 10.49 15.15
C ASP A 179 10.84 10.81 15.07
N SER A 180 10.44 11.79 14.24
CA SER A 180 9.03 12.13 14.11
C SER A 180 8.23 10.93 13.64
N GLY A 181 7.01 10.81 14.13
CA GLY A 181 6.16 9.69 13.83
C GLY A 181 6.34 8.48 14.73
N GLY A 182 7.49 8.36 15.38
CA GLY A 182 7.78 7.25 16.26
C GLY A 182 6.91 7.26 17.50
N PRO A 183 7.03 6.21 18.32
CA PRO A 183 6.14 6.05 19.45
C PRO A 183 6.62 6.69 20.74
N LEU A 184 5.65 7.15 21.52
CA LEU A 184 5.81 7.37 22.94
C LEU A 184 4.94 6.34 23.64
N VAL A 185 5.56 5.45 24.40
CA VAL A 185 4.88 4.29 24.98
C VAL A 185 4.92 4.39 26.48
N CYS A 186 3.75 4.25 27.11
CA CYS A 186 3.62 4.33 28.57
C CYS A 186 2.81 3.13 29.04
N ASP A 187 3.43 2.30 29.89
CA ASP A 187 2.78 1.11 30.45
C ASP A 187 2.32 0.16 29.35
N GLY A 188 3.21 -0.10 28.40
CA GLY A 188 2.91 -1.02 27.32
C GLY A 188 1.73 -0.60 26.46
N ALA A 189 1.58 0.69 26.23
CA ALA A 189 0.50 1.21 25.40
C ALA A 189 0.95 2.51 24.76
N LEU A 190 0.48 2.76 23.55
CA LEU A 190 0.86 3.97 22.81
C LEU A 190 0.07 5.15 23.34
N GLN A 191 0.76 6.10 23.97
CA GLN A 191 0.13 7.32 24.47
C GLN A 191 0.41 8.54 23.62
N GLY A 192 1.41 8.49 22.74
CA GLY A 192 1.77 9.68 21.98
C GLY A 192 2.64 9.36 20.79
N ILE A 193 2.71 10.35 19.88
CA ILE A 193 3.49 10.27 18.65
C ILE A 193 4.45 11.45 18.61
N THR A 194 5.72 11.17 18.33
CA THR A 194 6.73 12.22 18.30
C THR A 194 6.38 13.28 17.26
N SER A 195 6.21 14.53 17.70
CA SER A 195 5.79 15.59 16.80
C SER A 195 6.83 16.68 16.61
N TRP A 196 7.27 17.36 17.68
CA TRP A 196 8.19 18.50 17.51
C TRP A 196 8.82 18.84 18.86
N GLY A 197 9.86 19.68 18.81
CA GLY A 197 10.58 19.99 20.03
C GLY A 197 11.64 21.09 20.04
N SER A 198 12.75 20.80 20.73
CA SER A 198 13.69 21.81 21.21
C SER A 198 14.86 22.03 20.25
N ASP A 199 15.30 23.28 20.16
CA ASP A 199 16.46 23.67 19.36
C ASP A 199 17.57 24.22 20.26
N PRO A 200 18.70 23.51 20.42
CA PRO A 200 18.88 22.16 19.87
C PRO A 200 18.18 21.11 20.73
N CYS A 201 18.11 19.87 20.23
CA CYS A 201 17.46 18.81 20.96
C CYS A 201 18.19 18.52 22.26
N GLY A 202 17.45 17.95 23.22
CA GLY A 202 18.02 17.58 24.49
C GLY A 202 18.16 18.70 25.50
N ARG A 203 17.62 19.89 25.22
CA ARG A 203 17.65 20.97 26.19
C ARG A 203 16.74 20.64 27.36
N SER A 204 17.24 20.83 28.58
CA SER A 204 16.39 20.74 29.75
C SER A 204 15.38 21.88 29.81
N ASP A 205 15.63 22.97 29.06
CA ASP A 205 14.67 24.05 28.98
C ASP A 205 13.39 23.61 28.27
N LYS A 206 13.53 22.87 27.17
CA LYS A 206 12.40 22.56 26.29
C LYS A 206 12.22 21.05 26.16
N PRO A 207 11.05 20.51 26.52
CA PRO A 207 10.78 19.08 26.32
C PRO A 207 10.40 18.75 24.89
N GLY A 208 10.00 17.51 24.64
CA GLY A 208 9.43 17.12 23.36
C GLY A 208 7.92 17.15 23.41
N VAL A 209 7.30 17.51 22.29
CA VAL A 209 5.85 17.62 22.20
C VAL A 209 5.34 16.45 21.37
N TYR A 210 4.34 15.75 21.88
CA TYR A 210 3.81 14.55 21.26
C TYR A 210 2.31 14.69 21.08
N THR A 211 1.79 14.19 19.95
CA THR A 211 0.36 14.07 19.79
C THR A 211 -0.22 13.26 20.93
N ASN A 212 -1.39 13.67 21.42
CA ASN A 212 -1.97 13.07 22.62
C ASN A 212 -2.97 11.99 22.19
N ILE A 213 -2.51 10.74 22.18
CA ILE A 213 -3.30 9.65 21.63
C ILE A 213 -4.56 9.39 22.45
N CYS A 214 -4.51 9.59 23.77
CA CYS A 214 -5.68 9.35 24.60
C CYS A 214 -6.85 10.28 24.26
N ARG A 215 -6.60 11.35 23.50
CA ARG A 215 -7.67 12.24 23.06
C ARG A 215 -8.34 11.78 21.78
N TYR A 216 -7.60 11.12 20.89
CA TYR A 216 -8.12 10.74 19.58
C TYR A 216 -8.54 9.27 19.52
N LEU A 217 -8.82 8.66 20.67
CA LEU A 217 -9.15 7.24 20.70
C LEU A 217 -10.37 6.93 19.84
N ASP A 218 -11.36 7.84 19.83
CA ASP A 218 -12.55 7.58 19.03
C ASP A 218 -12.23 7.61 17.53
N TRP A 219 -11.46 8.62 17.09
CA TRP A 219 -11.15 8.71 15.66
C TRP A 219 -10.27 7.56 15.20
N ILE A 220 -9.29 7.17 16.02
CA ILE A 220 -8.40 6.07 15.64
C ILE A 220 -9.19 4.76 15.61
N LYS A 221 -9.91 4.44 16.68
CA LYS A 221 -10.67 3.20 16.74
C LYS A 221 -11.79 3.18 15.71
N LYS A 222 -12.28 4.34 15.28
CA LYS A 222 -13.28 4.37 14.20
C LYS A 222 -12.69 3.83 12.91
N ILE A 223 -11.52 4.35 12.51
CA ILE A 223 -10.91 3.95 11.25
C ILE A 223 -10.00 2.73 11.40
N ILE A 224 -9.82 2.23 12.62
CA ILE A 224 -9.17 0.93 12.79
C ILE A 224 -10.18 -0.20 12.64
N GLY A 225 -11.48 0.09 12.71
CA GLY A 225 -12.51 -0.93 12.68
C GLY A 225 -13.63 -0.68 11.70
N SER A 226 -13.75 0.54 11.17
CA SER A 226 -14.70 0.83 10.10
C SER A 226 -14.03 1.10 8.76
N LYS A 227 -12.76 1.49 8.77
CA LYS A 227 -11.90 1.35 7.60
C LYS A 227 -11.00 0.13 7.73
N GLY A 228 -11.31 -0.76 8.67
CA GLY A 228 -10.47 -1.91 8.96
C GLY A 228 -11.15 -2.85 9.94
N VAL B 1 3.59 -5.80 -12.67
CA VAL B 1 4.10 -5.80 -14.03
C VAL B 1 5.61 -5.56 -14.03
N LEU B 2 6.37 -6.51 -14.56
CA LEU B 2 7.82 -6.43 -14.60
C LEU B 2 8.30 -5.71 -15.84
N GLY B 3 9.55 -5.25 -15.79
CA GLY B 3 10.20 -4.66 -16.96
C GLY B 3 9.42 -3.56 -17.61
N GLY B 4 8.82 -2.68 -16.81
CA GLY B 4 7.99 -1.63 -17.35
C GLY B 4 8.25 -0.26 -16.77
N HIS B 5 7.27 0.62 -16.88
CA HIS B 5 7.38 2.00 -16.46
C HIS B 5 6.08 2.42 -15.82
N GLU B 6 6.17 3.32 -14.83
CA GLU B 6 4.98 3.91 -14.25
C GLU B 6 4.17 4.58 -15.34
N CYS B 7 2.93 4.13 -15.53
CA CYS B 7 2.09 4.68 -16.57
C CYS B 7 1.91 6.17 -16.39
N GLN B 8 1.60 6.85 -17.48
CA GLN B 8 1.07 8.20 -17.38
C GLN B 8 -0.18 8.14 -16.51
N PRO B 9 -0.34 9.06 -15.57
CA PRO B 9 -1.50 9.00 -14.66
C PRO B 9 -2.81 8.98 -15.43
N HIS B 10 -3.61 7.95 -15.15
CA HIS B 10 -4.96 7.78 -15.70
C HIS B 10 -4.94 7.61 -17.22
N SER B 11 -3.82 7.17 -17.78
CA SER B 11 -3.73 6.88 -19.21
C SER B 11 -4.33 5.52 -19.56
N GLN B 12 -4.75 4.74 -18.57
CA GLN B 12 -5.45 3.48 -18.77
C GLN B 12 -6.79 3.55 -18.05
N PRO B 13 -7.75 4.32 -18.58
CA PRO B 13 -8.99 4.58 -17.83
C PRO B 13 -9.84 3.35 -17.60
N TRP B 14 -9.61 2.26 -18.34
CA TRP B 14 -10.37 1.04 -18.19
C TRP B 14 -9.95 0.21 -16.99
N GLN B 15 -8.74 0.44 -16.48
CA GLN B 15 -8.19 -0.35 -15.40
C GLN B 15 -9.08 -0.32 -14.16
N ALA B 16 -9.69 -1.45 -13.82
CA ALA B 16 -10.48 -1.57 -12.61
C ALA B 16 -9.60 -2.09 -11.49
N ALA B 17 -10.20 -2.37 -10.34
CA ALA B 17 -9.45 -2.87 -9.19
C ALA B 17 -10.42 -3.60 -8.27
N LEU B 18 -10.30 -4.93 -8.21
CA LEU B 18 -11.16 -5.70 -7.31
C LEU B 18 -10.75 -5.47 -5.87
N PHE B 19 -11.72 -5.19 -5.02
CA PHE B 19 -11.47 -4.94 -3.61
C PHE B 19 -12.52 -5.59 -2.75
N GLN B 20 -12.09 -6.24 -1.68
CA GLN B 20 -12.93 -6.53 -0.53
C GLN B 20 -12.57 -5.50 0.53
N GLY B 21 -13.47 -4.56 0.77
CA GLY B 21 -13.12 -3.44 1.63
C GLY B 21 -11.96 -2.68 1.01
N GLN B 22 -10.77 -2.86 1.57
CA GLN B 22 -9.58 -2.13 1.13
C GLN B 22 -8.43 -3.06 0.76
N GLN B 23 -8.74 -4.29 0.33
CA GLN B 23 -7.74 -5.29 -0.01
C GLN B 23 -7.78 -5.55 -1.51
N LEU B 24 -6.66 -5.33 -2.18
CA LEU B 24 -6.57 -5.47 -3.64
C LEU B 24 -6.46 -6.94 -4.00
N LEU B 25 -7.61 -7.60 -4.17
CA LEU B 25 -7.63 -9.00 -4.59
C LEU B 25 -7.05 -9.19 -5.99
N CYS B 26 -7.69 -8.59 -6.99
CA CYS B 26 -7.34 -8.83 -8.38
C CYS B 26 -7.40 -7.52 -9.14
N GLY B 27 -7.16 -7.60 -10.45
CA GLY B 27 -7.41 -6.50 -11.35
C GLY B 27 -8.77 -6.61 -12.00
N GLY B 28 -8.94 -5.83 -13.06
CA GLY B 28 -10.21 -5.81 -13.76
C GLY B 28 -10.14 -4.79 -14.88
N VAL B 29 -11.08 -4.91 -15.80
CA VAL B 29 -11.18 -3.98 -16.92
C VAL B 29 -12.62 -3.50 -17.04
N LEU B 30 -12.79 -2.21 -17.26
CA LEU B 30 -14.11 -1.65 -17.48
C LEU B 30 -14.56 -2.00 -18.90
N VAL B 31 -15.62 -2.81 -19.00
CA VAL B 31 -16.09 -3.26 -20.30
C VAL B 31 -17.50 -2.77 -20.62
N GLY B 32 -18.27 -2.35 -19.62
CA GLY B 32 -19.57 -1.75 -19.87
C GLY B 32 -19.76 -0.50 -19.04
N GLY B 33 -20.99 -0.06 -18.88
CA GLY B 33 -21.26 1.03 -17.96
C GLY B 33 -21.21 0.55 -16.52
N ASN B 34 -21.69 -0.67 -16.30
CA ASN B 34 -21.78 -1.27 -14.98
C ASN B 34 -21.33 -2.73 -15.02
N TRP B 35 -20.30 -3.01 -15.83
CA TRP B 35 -19.78 -4.36 -15.93
C TRP B 35 -18.26 -4.31 -16.01
N VAL B 36 -17.60 -5.15 -15.21
CA VAL B 36 -16.15 -5.25 -15.17
C VAL B 36 -15.78 -6.70 -15.44
N LEU B 37 -14.98 -6.91 -16.47
CA LEU B 37 -14.49 -8.24 -16.82
C LEU B 37 -13.19 -8.52 -16.07
N THR B 38 -13.10 -9.69 -15.45
CA THR B 38 -11.93 -10.05 -14.66
C THR B 38 -11.77 -11.57 -14.72
N ALA B 39 -10.85 -12.09 -13.90
CA ALA B 39 -10.60 -13.52 -13.86
C ALA B 39 -11.58 -14.22 -12.93
N ALA B 40 -12.01 -15.41 -13.33
CA ALA B 40 -12.98 -16.16 -12.52
C ALA B 40 -12.37 -16.70 -11.24
N HIS B 41 -11.05 -16.84 -11.16
CA HIS B 41 -10.41 -17.26 -9.93
C HIS B 41 -10.34 -16.13 -8.90
N CYS B 42 -10.95 -14.98 -9.21
CA CYS B 42 -11.08 -13.88 -8.27
C CYS B 42 -12.45 -13.83 -7.63
N LYS B 43 -13.33 -14.79 -7.93
CA LYS B 43 -14.69 -14.79 -7.40
C LYS B 43 -14.68 -14.82 -5.87
N LYS B 44 -15.44 -13.92 -5.28
CA LYS B 44 -15.60 -13.80 -3.84
C LYS B 44 -17.07 -13.66 -3.52
N PRO B 45 -17.47 -13.96 -2.27
CA PRO B 45 -18.85 -13.69 -1.85
C PRO B 45 -19.13 -12.24 -1.49
N LYS B 46 -18.13 -11.36 -1.55
CA LYS B 46 -18.31 -9.95 -1.24
C LYS B 46 -17.10 -9.17 -1.73
N TYR B 47 -17.35 -8.09 -2.47
CA TYR B 47 -16.28 -7.26 -3.01
C TYR B 47 -16.87 -5.97 -3.56
N THR B 48 -16.00 -5.00 -3.80
CA THR B 48 -16.40 -3.65 -4.22
C THR B 48 -15.39 -3.15 -5.26
N VAL B 49 -15.85 -2.95 -6.50
CA VAL B 49 -14.94 -2.57 -7.57
C VAL B 49 -14.54 -1.10 -7.43
N ARG B 50 -13.29 -0.80 -7.71
CA ARG B 50 -12.78 0.56 -7.74
C ARG B 50 -12.36 0.92 -9.16
N LEU B 51 -12.70 2.14 -9.57
CA LEU B 51 -12.42 2.65 -10.91
C LEU B 51 -11.63 3.94 -10.83
N GLY B 52 -11.11 4.34 -11.98
CA GLY B 52 -10.39 5.60 -12.14
C GLY B 52 -9.37 5.93 -11.08
N ASP B 53 -8.33 5.11 -10.98
CA ASP B 53 -7.28 5.30 -9.99
C ASP B 53 -5.92 5.10 -10.62
N HIS B 54 -4.93 5.80 -10.09
CA HIS B 54 -3.53 5.64 -10.50
C HIS B 54 -2.64 5.21 -9.35
N SER B 55 -2.71 5.91 -8.22
CA SER B 55 -1.94 5.59 -7.02
C SER B 55 -2.88 5.08 -5.94
N LEU B 56 -2.55 3.91 -5.37
CA LEU B 56 -3.44 3.30 -4.39
C LEU B 56 -3.54 4.13 -3.11
N GLN B 57 -2.47 4.81 -2.72
CA GLN B 57 -2.42 5.46 -1.41
C GLN B 57 -2.98 6.88 -1.40
N ASN B 58 -2.96 7.59 -2.52
CA ASN B 58 -3.28 9.02 -2.51
C ASN B 58 -4.67 9.29 -3.08
N LYS B 59 -5.13 10.53 -2.90
CA LYS B 59 -6.52 10.89 -3.19
C LYS B 59 -6.81 10.85 -4.68
N ASP B 60 -5.95 11.48 -5.48
CA ASP B 60 -5.84 11.27 -6.92
C ASP B 60 -6.99 11.81 -7.75
N GLY B 61 -8.12 12.15 -7.12
CA GLY B 61 -9.28 12.71 -7.80
C GLY B 61 -10.42 11.80 -8.23
N PRO B 62 -10.27 11.01 -9.32
CA PRO B 62 -11.45 10.41 -9.96
C PRO B 62 -11.90 9.04 -9.43
N GLU B 63 -11.48 8.65 -8.23
CA GLU B 63 -11.86 7.34 -7.72
C GLU B 63 -13.37 7.15 -7.66
N GLN B 64 -13.81 5.91 -7.86
CA GLN B 64 -15.20 5.50 -7.69
C GLN B 64 -15.21 4.11 -7.08
N GLU B 65 -15.97 3.93 -6.00
CA GLU B 65 -16.16 2.63 -5.38
C GLU B 65 -17.62 2.21 -5.54
N ILE B 66 -17.84 1.12 -6.27
CA ILE B 66 -19.19 0.65 -6.56
C ILE B 66 -19.31 -0.82 -6.14
N PRO B 67 -20.36 -1.19 -5.42
CA PRO B 67 -20.59 -2.60 -5.11
C PRO B 67 -21.02 -3.39 -6.34
N VAL B 68 -21.23 -4.69 -6.16
CA VAL B 68 -21.63 -5.58 -7.24
C VAL B 68 -22.96 -6.24 -6.85
N VAL B 69 -23.86 -6.35 -7.82
CA VAL B 69 -25.17 -6.91 -7.57
C VAL B 69 -25.35 -8.30 -8.14
N GLN B 70 -24.36 -8.83 -8.86
CA GLN B 70 -24.40 -10.24 -9.26
C GLN B 70 -23.05 -10.63 -9.83
N SER B 71 -22.60 -11.83 -9.44
CA SER B 71 -21.33 -12.39 -9.89
C SER B 71 -21.59 -13.52 -10.87
N ILE B 72 -21.00 -13.42 -12.06
CA ILE B 72 -21.24 -14.41 -13.11
C ILE B 72 -19.91 -14.88 -13.71
N PRO B 73 -19.43 -16.07 -13.35
CA PRO B 73 -18.26 -16.62 -14.03
C PRO B 73 -18.69 -17.46 -15.22
N HIS B 74 -17.70 -17.89 -16.00
CA HIS B 74 -18.01 -18.74 -17.13
C HIS B 74 -18.52 -20.09 -16.63
N PRO B 75 -19.62 -20.61 -17.18
CA PRO B 75 -20.20 -21.86 -16.66
C PRO B 75 -19.31 -23.07 -16.88
N CYS B 76 -18.24 -22.96 -17.68
CA CYS B 76 -17.34 -24.07 -17.97
C CYS B 76 -16.05 -24.00 -17.17
N TYR B 77 -15.93 -23.02 -16.27
CA TYR B 77 -14.79 -22.94 -15.36
C TYR B 77 -15.03 -23.87 -14.17
N ASN B 78 -13.93 -24.38 -13.61
CA ASN B 78 -14.02 -25.34 -12.51
C ASN B 78 -13.07 -24.94 -11.39
N SER B 79 -13.61 -24.82 -10.18
CA SER B 79 -12.83 -24.43 -9.00
C SER B 79 -11.94 -25.55 -8.49
N SER B 80 -12.26 -26.79 -8.82
CA SER B 80 -11.63 -27.96 -8.21
C SER B 80 -10.13 -28.03 -8.42
N ASP B 81 -9.69 -28.21 -9.66
CA ASP B 81 -8.30 -28.48 -9.96
C ASP B 81 -7.54 -27.17 -10.20
N VAL B 82 -6.24 -27.21 -9.88
CA VAL B 82 -5.38 -26.04 -9.98
C VAL B 82 -4.47 -26.09 -11.19
N GLU B 83 -4.53 -27.14 -11.99
CA GLU B 83 -3.66 -27.28 -13.14
C GLU B 83 -4.35 -26.97 -14.47
N ASP B 84 -5.67 -27.08 -14.53
CA ASP B 84 -6.43 -26.66 -15.71
C ASP B 84 -6.93 -25.23 -15.48
N HIS B 85 -6.65 -24.35 -16.44
CA HIS B 85 -6.95 -22.93 -16.30
C HIS B 85 -7.98 -22.43 -17.31
N ASN B 86 -8.80 -23.33 -17.84
CA ASN B 86 -9.68 -22.96 -18.95
C ASN B 86 -10.84 -22.09 -18.48
N HIS B 87 -11.26 -21.18 -19.36
CA HIS B 87 -12.44 -20.32 -19.16
C HIS B 87 -12.28 -19.41 -17.94
N ASP B 88 -11.09 -18.85 -17.76
CA ASP B 88 -10.80 -17.97 -16.62
C ASP B 88 -11.36 -16.58 -16.95
N LEU B 89 -12.68 -16.46 -16.84
CA LEU B 89 -13.38 -15.22 -17.15
C LEU B 89 -14.56 -15.04 -16.21
N MET B 90 -14.92 -13.78 -15.96
CA MET B 90 -16.05 -13.48 -15.11
C MET B 90 -16.48 -12.03 -15.31
N LEU B 91 -17.79 -11.83 -15.44
CA LEU B 91 -18.39 -10.51 -15.57
C LEU B 91 -18.97 -10.08 -14.24
N LEU B 92 -18.65 -8.86 -13.82
CA LEU B 92 -19.08 -8.32 -12.53
C LEU B 92 -20.02 -7.15 -12.77
N GLN B 93 -21.28 -7.33 -12.37
CA GLN B 93 -22.31 -6.33 -12.60
C GLN B 93 -22.34 -5.34 -11.45
N LEU B 94 -22.11 -4.06 -11.75
CA LEU B 94 -22.04 -3.03 -10.73
C LEU B 94 -23.44 -2.56 -10.36
N ARG B 95 -23.64 -2.27 -9.07
CA ARG B 95 -24.95 -1.86 -8.58
C ARG B 95 -25.48 -0.65 -9.34
N ASP B 96 -24.61 0.29 -9.68
CA ASP B 96 -25.00 1.51 -10.35
C ASP B 96 -24.09 1.78 -11.53
N GLN B 97 -24.57 2.63 -12.45
CA GLN B 97 -23.74 3.07 -13.56
C GLN B 97 -22.53 3.82 -13.06
N ALA B 98 -21.42 3.67 -13.76
CA ALA B 98 -20.20 4.37 -13.39
C ALA B 98 -20.21 5.78 -13.96
N SER B 99 -19.73 6.73 -13.16
CA SER B 99 -19.53 8.09 -13.66
C SER B 99 -18.31 8.10 -14.56
N LEU B 100 -18.49 8.55 -15.80
CA LEU B 100 -17.45 8.46 -16.82
C LEU B 100 -17.00 9.84 -17.25
N GLY B 101 -15.83 9.90 -17.87
CA GLY B 101 -15.27 11.15 -18.34
C GLY B 101 -13.95 10.98 -19.06
N SER B 102 -12.99 11.84 -18.75
CA SER B 102 -11.65 11.75 -19.34
C SER B 102 -10.71 10.86 -18.53
N LYS B 103 -11.17 10.33 -17.40
CA LYS B 103 -10.34 9.46 -16.56
C LYS B 103 -10.97 8.11 -16.26
N VAL B 104 -12.26 7.92 -16.55
CA VAL B 104 -12.93 6.63 -16.36
C VAL B 104 -13.66 6.32 -17.66
N LYS B 105 -13.15 5.36 -18.41
CA LYS B 105 -13.65 5.06 -19.75
C LYS B 105 -13.66 3.55 -19.94
N PRO B 106 -14.78 2.98 -20.37
CA PRO B 106 -14.76 1.55 -20.74
C PRO B 106 -13.92 1.33 -21.98
N ILE B 107 -13.28 0.16 -22.03
CA ILE B 107 -12.44 -0.20 -23.17
C ILE B 107 -13.26 -1.04 -24.13
N SER B 108 -13.00 -0.87 -25.42
CA SER B 108 -13.68 -1.65 -26.44
C SER B 108 -13.05 -3.04 -26.53
N LEU B 109 -13.88 -4.06 -26.51
CA LEU B 109 -13.39 -5.43 -26.63
C LEU B 109 -12.67 -5.61 -27.96
N ALA B 110 -11.71 -6.52 -27.97
CA ALA B 110 -10.98 -6.82 -29.19
C ALA B 110 -11.94 -7.31 -30.26
N ASP B 111 -11.86 -6.71 -31.45
CA ASP B 111 -12.61 -7.18 -32.60
C ASP B 111 -11.91 -8.29 -33.36
N HIS B 112 -10.59 -8.38 -33.22
CA HIS B 112 -9.78 -9.34 -33.95
C HIS B 112 -8.85 -10.06 -32.98
N CYS B 113 -8.61 -11.35 -33.25
CA CYS B 113 -7.52 -12.02 -32.56
C CYS B 113 -6.19 -11.46 -33.04
N THR B 114 -5.19 -11.51 -32.18
CA THR B 114 -3.93 -10.83 -32.45
C THR B 114 -2.96 -11.75 -33.21
N GLN B 115 -1.70 -11.30 -33.30
CA GLN B 115 -0.68 -11.81 -34.18
C GLN B 115 0.65 -11.81 -33.43
N PRO B 116 1.49 -12.82 -33.61
CA PRO B 116 2.82 -12.79 -33.00
C PRO B 116 3.61 -11.61 -33.52
N GLY B 117 4.51 -11.10 -32.67
CA GLY B 117 5.26 -9.90 -32.96
C GLY B 117 4.52 -8.60 -32.70
N GLN B 118 3.20 -8.64 -32.57
CA GLN B 118 2.42 -7.43 -32.38
C GLN B 118 2.71 -6.80 -31.02
N LYS B 119 3.06 -5.52 -31.03
CA LYS B 119 3.34 -4.81 -29.79
C LYS B 119 2.06 -4.65 -28.98
N CYS B 120 2.17 -4.88 -27.67
CA CYS B 120 1.03 -4.83 -26.76
C CYS B 120 1.44 -4.19 -25.46
N THR B 121 0.45 -3.75 -24.69
CA THR B 121 0.68 -3.16 -23.38
C THR B 121 -0.15 -3.89 -22.33
N VAL B 122 0.46 -4.13 -21.18
CA VAL B 122 -0.21 -4.69 -20.02
C VAL B 122 -0.10 -3.67 -18.89
N SER B 123 -1.01 -3.78 -17.92
CA SER B 123 -1.04 -2.84 -16.81
C SER B 123 -1.59 -3.52 -15.58
N GLY B 124 -1.11 -3.08 -14.42
CA GLY B 124 -1.60 -3.59 -13.15
C GLY B 124 -0.76 -3.05 -12.02
N TRP B 125 -1.27 -3.26 -10.81
CA TRP B 125 -0.56 -2.90 -9.59
C TRP B 125 0.15 -4.10 -8.96
N GLY B 126 0.26 -5.21 -9.68
CA GLY B 126 0.98 -6.36 -9.19
C GLY B 126 2.46 -6.08 -9.09
N THR B 127 3.18 -7.07 -8.53
CA THR B 127 4.59 -6.88 -8.21
C THR B 127 5.40 -6.49 -9.44
N VAL B 128 6.24 -5.46 -9.29
CA VAL B 128 7.13 -5.03 -10.35
C VAL B 128 8.43 -5.83 -10.37
N THR B 129 8.61 -6.76 -9.43
CA THR B 129 9.80 -7.57 -9.36
C THR B 129 9.39 -9.01 -9.06
N SER B 130 10.32 -9.94 -9.33
CA SER B 130 10.02 -11.36 -9.19
C SER B 130 11.33 -12.11 -9.03
N PRO B 131 11.38 -13.15 -8.18
CA PRO B 131 10.24 -13.66 -7.41
C PRO B 131 10.00 -12.97 -6.06
N ARG B 132 10.71 -11.88 -5.77
CA ARG B 132 10.31 -11.05 -4.64
C ARG B 132 8.93 -10.44 -4.93
N GLU B 133 8.33 -9.84 -3.91
CA GLU B 133 7.03 -9.20 -4.06
C GLU B 133 7.17 -7.72 -3.69
N ASN B 134 7.37 -6.88 -4.71
CA ASN B 134 7.43 -5.43 -4.56
C ASN B 134 6.27 -4.85 -5.35
N PHE B 135 5.14 -4.68 -4.68
CA PHE B 135 3.96 -4.12 -5.32
C PHE B 135 4.08 -2.60 -5.42
N PRO B 136 4.03 -2.01 -6.61
CA PRO B 136 4.09 -0.56 -6.72
C PRO B 136 2.79 0.07 -6.23
N ASP B 137 2.86 1.38 -6.00
CA ASP B 137 1.68 2.14 -5.62
C ASP B 137 1.03 2.78 -6.84
N THR B 138 1.82 3.32 -7.76
CA THR B 138 1.30 3.86 -9.00
C THR B 138 1.16 2.75 -10.02
N LEU B 139 0.16 2.89 -10.89
CA LEU B 139 -0.08 1.91 -11.94
C LEU B 139 1.13 1.81 -12.85
N ASN B 140 1.55 0.58 -13.16
CA ASN B 140 2.71 0.33 -13.98
C ASN B 140 2.32 -0.29 -15.31
N CYS B 141 3.00 0.13 -16.37
CA CYS B 141 2.73 -0.31 -17.74
C CYS B 141 4.00 -0.85 -18.35
N ALA B 142 3.85 -1.77 -19.30
CA ALA B 142 4.98 -2.35 -19.99
C ALA B 142 4.53 -2.87 -21.36
N GLU B 143 5.46 -2.89 -22.31
CA GLU B 143 5.18 -3.35 -23.65
C GLU B 143 5.60 -4.80 -23.81
N VAL B 144 4.76 -5.59 -24.48
CA VAL B 144 5.01 -7.01 -24.71
C VAL B 144 4.65 -7.35 -26.14
N LYS B 145 5.07 -8.53 -26.57
CA LYS B 145 4.82 -9.03 -27.92
C LYS B 145 4.05 -10.34 -27.82
N ILE B 146 3.01 -10.49 -28.63
CA ILE B 146 2.28 -11.74 -28.68
C ILE B 146 3.21 -12.83 -29.16
N PHE B 147 3.08 -14.02 -28.58
CA PHE B 147 3.98 -15.09 -28.94
C PHE B 147 3.25 -16.13 -29.80
N PRO B 148 3.97 -16.77 -30.72
CA PRO B 148 3.35 -17.85 -31.51
C PRO B 148 2.86 -18.96 -30.59
N GLN B 149 1.70 -19.52 -30.92
CA GLN B 149 1.06 -20.47 -30.03
C GLN B 149 1.86 -21.75 -29.89
N LYS B 150 2.67 -22.10 -30.91
CA LYS B 150 3.51 -23.28 -30.81
C LYS B 150 4.57 -23.12 -29.73
N LYS B 151 5.34 -22.02 -29.78
CA LYS B 151 6.26 -21.73 -28.69
C LYS B 151 5.51 -21.50 -27.38
N CYS B 152 4.30 -20.95 -27.46
CA CYS B 152 3.45 -20.87 -26.27
C CYS B 152 3.07 -22.25 -25.77
N GLU B 153 2.77 -23.17 -26.70
CA GLU B 153 2.46 -24.54 -26.33
C GLU B 153 3.69 -25.34 -25.92
N ASP B 154 4.88 -24.96 -26.41
CA ASP B 154 6.10 -25.64 -25.98
C ASP B 154 6.50 -25.23 -24.57
N ALA B 155 6.32 -23.95 -24.23
CA ALA B 155 6.66 -23.49 -22.89
C ALA B 155 5.69 -24.03 -21.85
N TYR B 156 4.43 -24.21 -22.21
CA TYR B 156 3.41 -24.74 -21.31
C TYR B 156 2.71 -25.93 -21.99
N PRO B 157 3.39 -27.07 -22.09
CA PRO B 157 2.78 -28.23 -22.76
C PRO B 157 1.62 -28.80 -21.96
N GLY B 158 0.50 -29.02 -22.64
CA GLY B 158 -0.65 -29.65 -22.04
C GLY B 158 -1.54 -28.77 -21.20
N GLN B 159 -1.28 -27.45 -21.18
CA GLN B 159 -2.09 -26.52 -20.39
C GLN B 159 -2.71 -25.40 -21.20
N ILE B 160 -2.24 -25.13 -22.41
CA ILE B 160 -2.74 -24.02 -23.21
C ILE B 160 -3.90 -24.51 -24.06
N THR B 161 -5.04 -23.85 -23.93
CA THR B 161 -6.21 -24.13 -24.75
C THR B 161 -6.30 -23.11 -25.87
N ASP B 162 -7.40 -23.14 -26.62
CA ASP B 162 -7.60 -22.12 -27.65
C ASP B 162 -7.97 -20.78 -27.03
N GLY B 163 -8.57 -20.79 -25.85
CA GLY B 163 -8.94 -19.57 -25.17
C GLY B 163 -7.81 -19.00 -24.34
N MET B 164 -6.58 -19.14 -24.82
CA MET B 164 -5.41 -18.61 -24.15
C MET B 164 -4.44 -18.07 -25.21
N VAL B 165 -3.77 -16.98 -24.90
CA VAL B 165 -2.77 -16.38 -25.78
C VAL B 165 -1.56 -15.98 -24.94
N CYS B 166 -0.38 -16.18 -25.51
CA CYS B 166 0.87 -15.83 -24.85
C CYS B 166 1.34 -14.45 -25.29
N ALA B 167 1.96 -13.73 -24.36
CA ALA B 167 2.64 -12.47 -24.64
C ALA B 167 3.91 -12.42 -23.81
N GLY B 168 5.01 -12.04 -24.44
CA GLY B 168 6.29 -12.02 -23.76
C GLY B 168 7.16 -10.90 -24.27
N SER B 169 8.38 -10.83 -23.73
CA SER B 169 9.31 -9.77 -24.06
C SER B 169 10.73 -10.26 -23.84
N SER B 170 11.63 -9.84 -24.73
CA SER B 170 13.05 -10.14 -24.52
C SER B 170 13.63 -9.25 -23.43
N LYS B 171 13.16 -8.01 -23.32
CA LYS B 171 13.62 -7.12 -22.26
C LYS B 171 13.31 -7.69 -20.89
N GLY B 172 12.13 -8.30 -20.73
CA GLY B 172 11.75 -8.87 -19.46
C GLY B 172 10.36 -8.45 -19.02
N ALA B 173 9.67 -7.71 -19.88
CA ALA B 173 8.32 -7.26 -19.56
C ALA B 173 7.37 -8.44 -19.46
N ASP B 174 6.49 -8.40 -18.45
CA ASP B 174 5.59 -9.50 -18.17
C ASP B 174 4.62 -9.06 -17.08
N THR B 175 3.42 -9.64 -17.11
CA THR B 175 2.53 -9.55 -15.96
C THR B 175 2.99 -10.53 -14.88
N CYS B 176 2.41 -10.40 -13.69
CA CYS B 176 2.80 -11.26 -12.58
C CYS B 176 1.70 -11.23 -11.52
N GLN B 177 2.03 -11.73 -10.33
CA GLN B 177 1.07 -11.78 -9.23
C GLN B 177 0.56 -10.39 -8.90
N GLY B 178 -0.77 -10.24 -8.90
CA GLY B 178 -1.43 -8.99 -8.62
C GLY B 178 -2.11 -8.38 -9.84
N ASP B 179 -1.61 -8.68 -11.04
CA ASP B 179 -2.15 -8.14 -12.27
C ASP B 179 -3.31 -8.94 -12.84
N SER B 180 -3.70 -10.02 -12.17
CA SER B 180 -4.73 -10.90 -12.71
C SER B 180 -6.09 -10.21 -12.71
N GLY B 181 -6.84 -10.41 -13.79
CA GLY B 181 -8.01 -9.64 -14.09
C GLY B 181 -7.75 -8.39 -14.91
N GLY B 182 -6.51 -7.91 -14.93
CA GLY B 182 -6.17 -6.70 -15.64
C GLY B 182 -6.09 -6.91 -17.14
N PRO B 183 -6.00 -5.81 -17.86
CA PRO B 183 -6.09 -5.85 -19.33
C PRO B 183 -4.78 -6.17 -20.03
N LEU B 184 -4.90 -6.94 -21.11
CA LEU B 184 -3.86 -7.07 -22.13
C LEU B 184 -4.35 -6.26 -23.33
N VAL B 185 -3.68 -5.16 -23.61
CA VAL B 185 -4.11 -4.21 -24.63
C VAL B 185 -3.14 -4.27 -25.81
N CYS B 186 -3.68 -4.43 -27.01
CA CYS B 186 -2.90 -4.42 -28.24
C CYS B 186 -3.57 -3.50 -29.24
N ASP B 187 -2.79 -2.58 -29.81
CA ASP B 187 -3.22 -1.55 -30.76
C ASP B 187 -4.52 -0.88 -30.36
N GLY B 188 -4.76 -0.74 -29.05
CA GLY B 188 -5.86 0.07 -28.56
C GLY B 188 -7.10 -0.68 -28.12
N ALA B 189 -7.12 -2.01 -28.20
CA ALA B 189 -8.28 -2.80 -27.83
C ALA B 189 -7.92 -3.80 -26.74
N LEU B 190 -8.95 -4.33 -26.08
CA LEU B 190 -8.78 -5.25 -24.96
C LEU B 190 -8.61 -6.66 -25.51
N GLN B 191 -7.37 -7.15 -25.54
CA GLN B 191 -7.08 -8.46 -26.10
C GLN B 191 -7.21 -9.58 -25.08
N GLY B 192 -6.72 -9.38 -23.85
CA GLY B 192 -6.68 -10.47 -22.91
C GLY B 192 -6.87 -10.02 -21.48
N ILE B 193 -7.25 -10.99 -20.65
CA ILE B 193 -7.34 -10.84 -19.21
C ILE B 193 -6.18 -11.62 -18.60
N THR B 194 -5.43 -10.97 -17.70
CA THR B 194 -4.28 -11.63 -17.10
C THR B 194 -4.74 -12.84 -16.30
N SER B 195 -4.31 -14.03 -16.72
CA SER B 195 -4.75 -15.26 -16.08
C SER B 195 -3.62 -16.00 -15.38
N TRP B 196 -2.57 -16.40 -16.10
CA TRP B 196 -1.53 -17.23 -15.50
C TRP B 196 -0.30 -17.22 -16.41
N GLY B 197 0.80 -17.74 -15.89
CA GLY B 197 2.02 -17.79 -16.66
C GLY B 197 3.23 -18.33 -15.92
N SER B 198 4.38 -17.71 -16.15
CA SER B 198 5.66 -18.25 -15.70
C SER B 198 5.88 -17.98 -14.21
N ASP B 199 6.30 -19.02 -13.49
CA ASP B 199 6.78 -18.89 -12.12
C ASP B 199 8.26 -19.27 -12.11
N PRO B 200 9.18 -18.31 -11.92
CA PRO B 200 8.91 -16.89 -11.68
C PRO B 200 8.55 -16.13 -12.96
N CYS B 201 8.17 -14.86 -12.80
CA CYS B 201 7.77 -14.03 -13.93
C CYS B 201 9.00 -13.41 -14.60
N GLY B 202 8.82 -13.05 -15.87
CA GLY B 202 9.86 -12.34 -16.60
C GLY B 202 10.94 -13.20 -17.22
N ARG B 203 10.69 -14.48 -17.42
CA ARG B 203 11.67 -15.37 -18.03
C ARG B 203 11.55 -15.36 -19.55
N SER B 204 12.70 -15.35 -20.20
CA SER B 204 12.73 -15.24 -21.66
C SER B 204 12.39 -16.54 -22.36
N ASP B 205 12.15 -17.63 -21.62
CA ASP B 205 11.62 -18.86 -22.18
C ASP B 205 10.11 -18.92 -22.06
N LYS B 206 9.60 -18.69 -20.85
CA LYS B 206 8.20 -18.88 -20.54
C LYS B 206 7.49 -17.53 -20.56
N PRO B 207 6.56 -17.29 -21.47
CA PRO B 207 5.85 -16.01 -21.47
C PRO B 207 4.61 -16.03 -20.58
N GLY B 208 3.92 -14.90 -20.49
CA GLY B 208 2.68 -14.84 -19.76
C GLY B 208 1.50 -15.24 -20.63
N VAL B 209 0.50 -15.84 -20.01
CA VAL B 209 -0.67 -16.34 -20.71
C VAL B 209 -1.89 -15.56 -20.25
N TYR B 210 -2.80 -15.31 -21.20
CA TYR B 210 -3.97 -14.50 -20.96
C TYR B 210 -5.19 -15.18 -21.57
N THR B 211 -6.33 -15.05 -20.91
CA THR B 211 -7.58 -15.48 -21.52
C THR B 211 -7.80 -14.72 -22.83
N ASN B 212 -8.17 -15.45 -23.88
CA ASN B 212 -8.30 -14.88 -25.21
C ASN B 212 -9.70 -14.27 -25.35
N ILE B 213 -9.78 -12.95 -25.36
CA ILE B 213 -11.08 -12.28 -25.40
C ILE B 213 -11.76 -12.49 -26.74
N CYS B 214 -11.00 -12.46 -27.83
CA CYS B 214 -11.58 -12.65 -29.16
C CYS B 214 -12.27 -13.99 -29.32
N ARG B 215 -12.06 -14.94 -28.41
CA ARG B 215 -12.75 -16.21 -28.42
C ARG B 215 -13.99 -16.25 -27.53
N TYR B 216 -14.19 -15.24 -26.69
CA TYR B 216 -15.29 -15.22 -25.74
C TYR B 216 -16.28 -14.08 -25.97
N LEU B 217 -16.22 -13.41 -27.13
CA LEU B 217 -17.11 -12.27 -27.37
C LEU B 217 -18.58 -12.67 -27.39
N ASP B 218 -18.89 -13.94 -27.60
CA ASP B 218 -20.28 -14.37 -27.62
C ASP B 218 -20.90 -14.31 -26.22
N TRP B 219 -20.18 -14.84 -25.23
CA TRP B 219 -20.72 -14.90 -23.87
C TRP B 219 -20.64 -13.57 -23.14
N ILE B 220 -19.67 -12.72 -23.50
CA ILE B 220 -19.61 -11.38 -22.92
C ILE B 220 -20.87 -10.60 -23.28
N LYS B 221 -21.16 -10.50 -24.57
CA LYS B 221 -22.40 -9.86 -25.03
C LYS B 221 -23.64 -10.56 -24.50
N LYS B 222 -23.52 -11.83 -24.10
CA LYS B 222 -24.68 -12.56 -23.62
C LYS B 222 -25.17 -12.04 -22.26
N ILE B 223 -24.33 -11.32 -21.53
CA ILE B 223 -24.68 -10.78 -20.23
C ILE B 223 -24.87 -9.27 -20.29
N ILE B 224 -23.95 -8.56 -20.94
CA ILE B 224 -24.04 -7.11 -21.04
C ILE B 224 -25.11 -6.71 -22.05
N GLY B 225 -25.81 -7.72 -22.59
CA GLY B 225 -26.86 -7.47 -23.56
C GLY B 225 -28.24 -7.91 -23.11
N SER B 226 -28.33 -8.96 -22.29
CA SER B 226 -29.61 -9.51 -21.91
C SER B 226 -29.90 -9.47 -20.41
N LYS B 227 -28.99 -8.91 -19.61
CA LYS B 227 -29.34 -8.57 -18.24
C LYS B 227 -30.22 -7.32 -18.28
N GLY B 228 -30.51 -6.75 -17.11
CA GLY B 228 -31.38 -5.59 -17.05
C GLY B 228 -30.98 -4.42 -17.90
N VAL C 1 -30.98 0.75 5.36
CA VAL C 1 -31.33 0.67 6.76
C VAL C 1 -30.10 0.97 7.63
N LEU C 2 -30.18 2.07 8.39
CA LEU C 2 -29.11 2.44 9.30
C LEU C 2 -29.30 1.78 10.66
N GLY C 3 -28.21 1.72 11.43
CA GLY C 3 -28.23 1.18 12.77
C GLY C 3 -28.82 -0.20 12.89
N GLY C 4 -28.73 -0.99 11.81
CA GLY C 4 -29.28 -2.32 11.79
C GLY C 4 -28.27 -3.40 11.50
N HIS C 5 -28.74 -4.57 11.09
CA HIS C 5 -27.89 -5.73 10.92
C HIS C 5 -28.44 -6.60 9.80
N GLU C 6 -27.56 -7.45 9.27
CA GLU C 6 -27.98 -8.43 8.29
C GLU C 6 -29.03 -9.36 8.89
N CYS C 7 -30.24 -9.33 8.34
CA CYS C 7 -31.31 -10.18 8.82
C CYS C 7 -30.92 -11.64 8.67
N GLN C 8 -31.53 -12.48 9.51
CA GLN C 8 -31.49 -13.92 9.25
C GLN C 8 -32.09 -14.15 7.87
N PRO C 9 -31.35 -14.73 6.93
CA PRO C 9 -31.85 -14.82 5.55
C PRO C 9 -33.22 -15.49 5.48
N HIS C 10 -34.13 -14.86 4.74
CA HIS C 10 -35.48 -15.34 4.50
C HIS C 10 -36.33 -15.40 5.77
N SER C 11 -35.93 -14.64 6.79
CA SER C 11 -36.78 -14.48 7.98
C SER C 11 -37.93 -13.51 7.74
N GLN C 12 -37.80 -12.61 6.76
CA GLN C 12 -38.89 -11.77 6.31
C GLN C 12 -39.30 -12.23 4.91
N PRO C 13 -40.21 -13.20 4.79
CA PRO C 13 -40.50 -13.77 3.47
C PRO C 13 -41.29 -12.84 2.57
N TRP C 14 -42.11 -11.96 3.15
CA TRP C 14 -42.86 -10.97 2.38
C TRP C 14 -41.94 -9.97 1.69
N GLN C 15 -40.69 -9.86 2.13
CA GLN C 15 -39.78 -8.83 1.62
C GLN C 15 -39.57 -8.99 0.13
N ALA C 16 -39.71 -7.89 -0.60
CA ALA C 16 -39.48 -7.86 -2.04
C ALA C 16 -38.39 -6.85 -2.36
N ALA C 17 -37.99 -6.83 -3.63
CA ALA C 17 -36.99 -5.90 -4.12
C ALA C 17 -37.38 -5.50 -5.55
N LEU C 18 -37.60 -4.21 -5.76
CA LEU C 18 -38.01 -3.70 -7.05
C LEU C 18 -36.78 -3.35 -7.89
N PHE C 19 -36.72 -3.91 -9.09
CA PHE C 19 -35.58 -3.71 -9.98
C PHE C 19 -36.05 -3.02 -11.24
N GLN C 20 -35.38 -1.91 -11.58
CA GLN C 20 -35.53 -1.28 -12.88
C GLN C 20 -34.62 -2.05 -13.83
N GLY C 21 -35.08 -3.23 -14.23
CA GLY C 21 -34.23 -4.17 -14.92
C GLY C 21 -33.10 -4.58 -14.01
N GLN C 22 -31.90 -4.12 -14.31
CA GLN C 22 -30.74 -4.42 -13.48
C GLN C 22 -30.66 -3.49 -12.28
N GLN C 23 -31.15 -2.26 -12.40
CA GLN C 23 -31.02 -1.25 -11.35
C GLN C 23 -32.08 -1.49 -10.28
N LEU C 24 -31.64 -1.82 -9.08
CA LEU C 24 -32.55 -1.86 -7.94
C LEU C 24 -32.95 -0.45 -7.54
N LEU C 25 -34.25 -0.21 -7.38
CA LEU C 25 -34.75 1.11 -7.01
C LEU C 25 -35.36 1.15 -5.62
N CYS C 26 -36.34 0.30 -5.34
CA CYS C 26 -37.11 0.35 -4.10
C CYS C 26 -37.21 -1.05 -3.51
N GLY C 27 -37.95 -1.14 -2.41
CA GLY C 27 -38.33 -2.40 -1.82
C GLY C 27 -39.78 -2.74 -2.08
N GLY C 28 -40.26 -3.78 -1.42
CA GLY C 28 -41.63 -4.22 -1.57
C GLY C 28 -42.05 -5.12 -0.43
N VAL C 29 -43.34 -5.42 -0.41
CA VAL C 29 -43.94 -6.24 0.64
C VAL C 29 -44.97 -7.16 -0.02
N LEU C 30 -44.82 -8.47 0.17
CA LEU C 30 -45.78 -9.43 -0.36
C LEU C 30 -46.99 -9.47 0.56
N VAL C 31 -48.14 -9.01 0.06
CA VAL C 31 -49.37 -9.00 0.84
C VAL C 31 -50.38 -10.01 0.32
N GLY C 32 -50.23 -10.50 -0.90
CA GLY C 32 -51.07 -11.56 -1.41
C GLY C 32 -50.24 -12.60 -2.14
N GLY C 33 -50.90 -13.58 -2.76
CA GLY C 33 -50.16 -14.53 -3.59
C GLY C 33 -49.67 -13.90 -4.87
N ASN C 34 -50.35 -12.87 -5.37
CA ASN C 34 -50.01 -12.22 -6.62
C ASN C 34 -49.92 -10.70 -6.49
N TRP C 35 -49.80 -10.19 -5.26
CA TRP C 35 -49.76 -8.75 -5.02
C TRP C 35 -48.54 -8.39 -4.18
N VAL C 36 -48.07 -7.16 -4.37
CA VAL C 36 -46.95 -6.63 -3.59
C VAL C 36 -47.23 -5.17 -3.27
N LEU C 37 -47.16 -4.81 -1.99
CA LEU C 37 -47.31 -3.43 -1.53
C LEU C 37 -45.98 -2.71 -1.57
N THR C 38 -46.00 -1.46 -2.00
CA THR C 38 -44.79 -0.64 -2.04
C THR C 38 -45.19 0.84 -1.99
N ALA C 39 -44.19 1.70 -1.99
CA ALA C 39 -44.41 3.14 -1.90
C ALA C 39 -44.88 3.70 -3.25
N ALA C 40 -45.84 4.62 -3.18
CA ALA C 40 -46.42 5.17 -4.40
C ALA C 40 -45.42 6.01 -5.19
N HIS C 41 -44.38 6.52 -4.56
CA HIS C 41 -43.38 7.30 -5.28
C HIS C 41 -42.34 6.43 -5.97
N CYS C 42 -42.41 5.11 -5.79
CA CYS C 42 -41.60 4.16 -6.55
C CYS C 42 -42.24 3.81 -7.88
N LYS C 43 -43.23 4.58 -8.33
CA LYS C 43 -43.94 4.28 -9.56
C LYS C 43 -42.99 4.29 -10.75
N LYS C 44 -43.03 3.22 -11.54
CA LYS C 44 -42.09 3.01 -12.63
C LYS C 44 -42.79 2.39 -13.82
N PRO C 45 -42.30 2.64 -15.04
CA PRO C 45 -42.94 2.06 -16.23
C PRO C 45 -42.78 0.55 -16.32
N LYS C 46 -41.56 0.06 -16.13
CA LYS C 46 -41.26 -1.36 -16.25
C LYS C 46 -40.37 -1.79 -15.10
N TYR C 47 -40.78 -2.86 -14.40
CA TYR C 47 -40.10 -3.30 -13.20
C TYR C 47 -40.58 -4.70 -12.87
N THR C 48 -39.68 -5.50 -12.31
CA THR C 48 -39.99 -6.84 -11.83
C THR C 48 -39.75 -6.90 -10.33
N VAL C 49 -40.43 -7.85 -9.68
CA VAL C 49 -40.29 -8.06 -8.24
C VAL C 49 -39.48 -9.31 -8.01
N ARG C 50 -38.55 -9.25 -7.06
CA ARG C 50 -37.66 -10.34 -6.72
C ARG C 50 -37.86 -10.69 -5.26
N LEU C 51 -38.46 -11.85 -5.01
CA LEU C 51 -38.68 -12.33 -3.65
C LEU C 51 -37.68 -13.43 -3.31
N GLY C 52 -37.69 -13.83 -2.05
CA GLY C 52 -36.81 -14.88 -1.58
C GLY C 52 -35.33 -14.59 -1.73
N ASP C 53 -34.96 -13.34 -1.95
CA ASP C 53 -33.56 -12.95 -2.11
C ASP C 53 -33.03 -12.41 -0.79
N HIS C 54 -31.76 -12.74 -0.51
CA HIS C 54 -31.05 -12.11 0.60
C HIS C 54 -29.81 -11.36 0.15
N SER C 55 -28.91 -12.01 -0.57
CA SER C 55 -27.66 -11.41 -1.03
C SER C 55 -27.76 -11.18 -2.52
N LEU C 56 -27.64 -9.91 -2.93
CA LEU C 56 -27.87 -9.55 -4.33
C LEU C 56 -26.97 -10.33 -5.27
N GLN C 57 -25.69 -10.48 -4.93
CA GLN C 57 -24.72 -11.06 -5.84
C GLN C 57 -24.56 -12.56 -5.70
N ASN C 58 -25.21 -13.20 -4.72
CA ASN C 58 -25.17 -14.64 -4.55
C ASN C 58 -26.58 -15.20 -4.69
N LYS C 59 -26.68 -16.52 -4.88
CA LYS C 59 -27.92 -17.08 -5.40
C LYS C 59 -28.91 -17.54 -4.32
N ASP C 60 -28.45 -17.83 -3.11
CA ASP C 60 -29.30 -17.95 -1.92
C ASP C 60 -30.33 -19.08 -1.96
N GLY C 61 -30.59 -19.65 -3.13
CA GLY C 61 -31.67 -20.60 -3.32
C GLY C 61 -33.02 -20.05 -3.75
N PRO C 62 -33.85 -19.48 -2.83
CA PRO C 62 -35.26 -19.24 -3.20
C PRO C 62 -35.53 -17.90 -3.88
N GLU C 63 -34.73 -17.52 -4.87
CA GLU C 63 -35.00 -16.28 -5.59
C GLU C 63 -36.08 -16.51 -6.63
N GLN C 64 -37.16 -15.72 -6.55
CA GLN C 64 -38.22 -15.71 -7.56
C GLN C 64 -38.34 -14.28 -8.06
N GLU C 65 -38.02 -14.08 -9.34
CA GLU C 65 -38.10 -12.76 -9.97
C GLU C 65 -39.30 -12.76 -10.92
N ILE C 66 -40.41 -12.20 -10.45
CA ILE C 66 -41.68 -12.19 -11.18
C ILE C 66 -41.97 -10.77 -11.61
N PRO C 67 -42.15 -10.50 -12.92
CA PRO C 67 -42.60 -9.18 -13.35
C PRO C 67 -44.01 -8.88 -12.87
N VAL C 68 -44.46 -7.66 -13.14
CA VAL C 68 -45.71 -7.15 -12.57
C VAL C 68 -46.72 -6.91 -13.69
N VAL C 69 -48.00 -7.04 -13.33
CA VAL C 69 -49.07 -6.84 -14.30
C VAL C 69 -50.06 -5.79 -13.79
N GLN C 70 -49.56 -4.81 -13.01
CA GLN C 70 -50.18 -3.49 -12.91
C GLN C 70 -49.40 -2.54 -12.02
N SER C 71 -49.52 -1.24 -12.29
CA SER C 71 -49.00 -0.18 -11.43
C SER C 71 -50.19 0.56 -10.86
N ILE C 72 -50.44 0.38 -9.56
CA ILE C 72 -51.68 0.86 -8.95
C ILE C 72 -51.38 1.74 -7.75
N PRO C 73 -50.88 2.97 -7.93
CA PRO C 73 -50.74 3.88 -6.79
C PRO C 73 -52.10 4.30 -6.26
N HIS C 74 -52.08 4.87 -5.06
CA HIS C 74 -53.33 5.26 -4.42
C HIS C 74 -53.98 6.40 -5.20
N PRO C 75 -55.31 6.38 -5.34
CA PRO C 75 -55.97 7.41 -6.15
C PRO C 75 -55.91 8.80 -5.53
N CYS C 76 -55.86 8.90 -4.20
CA CYS C 76 -55.70 10.20 -3.56
C CYS C 76 -54.28 10.72 -3.69
N TYR C 77 -53.31 9.85 -3.96
CA TYR C 77 -51.92 10.26 -4.09
C TYR C 77 -51.73 11.23 -5.26
N ASN C 78 -50.66 12.02 -5.18
CA ASN C 78 -50.32 13.03 -6.18
C ASN C 78 -48.83 12.96 -6.47
N SER C 79 -48.49 12.31 -7.58
CA SER C 79 -47.15 12.39 -8.12
C SER C 79 -46.94 13.59 -9.03
N SER C 80 -47.95 14.43 -9.23
CA SER C 80 -47.79 15.59 -10.11
C SER C 80 -46.86 16.62 -9.46
N ASP C 81 -47.02 16.83 -8.15
CA ASP C 81 -46.23 17.79 -7.41
C ASP C 81 -45.26 17.04 -6.51
N VAL C 82 -44.11 17.63 -6.26
CA VAL C 82 -42.99 16.85 -5.74
C VAL C 82 -43.05 16.71 -4.22
N GLU C 83 -43.29 17.81 -3.50
CA GLU C 83 -42.95 17.92 -2.09
C GLU C 83 -44.09 17.60 -1.10
N ASP C 84 -45.17 17.00 -1.56
CA ASP C 84 -46.16 16.42 -0.68
C ASP C 84 -46.16 14.91 -0.84
N HIS C 85 -46.38 14.20 0.26
CA HIS C 85 -46.23 12.76 0.25
C HIS C 85 -47.47 12.06 0.77
N ASN C 86 -48.63 12.67 0.60
CA ASN C 86 -49.85 12.10 1.16
C ASN C 86 -50.31 10.90 0.35
N HIS C 87 -50.85 9.91 1.06
CA HIS C 87 -51.41 8.69 0.46
C HIS C 87 -50.35 7.93 -0.34
N ASP C 88 -49.19 7.74 0.28
CA ASP C 88 -48.05 7.08 -0.36
C ASP C 88 -48.24 5.56 -0.25
N LEU C 89 -49.02 5.02 -1.20
CA LEU C 89 -49.29 3.60 -1.25
C LEU C 89 -49.46 3.16 -2.69
N MET C 90 -48.90 2.01 -3.03
CA MET C 90 -49.05 1.44 -4.36
C MET C 90 -49.03 -0.08 -4.25
N LEU C 91 -49.91 -0.72 -5.03
CA LEU C 91 -49.98 -2.18 -5.10
C LEU C 91 -49.56 -2.66 -6.49
N LEU C 92 -48.66 -3.63 -6.50
CA LEU C 92 -48.15 -4.22 -7.73
C LEU C 92 -48.65 -5.65 -7.86
N GLN C 93 -49.28 -5.96 -8.98
CA GLN C 93 -49.82 -7.29 -9.23
C GLN C 93 -48.82 -8.09 -10.06
N LEU C 94 -48.27 -9.15 -9.46
CA LEU C 94 -47.25 -9.94 -10.13
C LEU C 94 -47.85 -10.71 -11.31
N ARG C 95 -47.00 -11.02 -12.29
CA ARG C 95 -47.45 -11.76 -13.46
C ARG C 95 -47.99 -13.13 -13.08
N ASP C 96 -47.14 -13.98 -12.52
CA ASP C 96 -47.54 -15.29 -12.06
C ASP C 96 -47.51 -15.33 -10.54
N GLN C 97 -48.45 -16.07 -9.95
CA GLN C 97 -48.52 -16.20 -8.51
C GLN C 97 -47.21 -16.77 -7.97
N ALA C 98 -46.71 -16.18 -6.89
CA ALA C 98 -45.46 -16.61 -6.32
C ALA C 98 -45.58 -18.01 -5.73
N SER C 99 -44.50 -18.77 -5.82
CA SER C 99 -44.44 -20.08 -5.17
C SER C 99 -44.19 -19.88 -3.69
N LEU C 100 -45.10 -20.36 -2.85
CA LEU C 100 -45.12 -20.03 -1.43
C LEU C 100 -44.42 -21.10 -0.60
N GLY C 101 -44.15 -20.74 0.65
CA GLY C 101 -43.51 -21.66 1.57
C GLY C 101 -43.04 -20.93 2.82
N SER C 102 -41.94 -21.41 3.38
CA SER C 102 -41.39 -20.85 4.60
C SER C 102 -40.42 -19.69 4.34
N LYS C 103 -40.04 -19.45 3.08
CA LYS C 103 -39.13 -18.37 2.75
C LYS C 103 -39.72 -17.36 1.79
N VAL C 104 -40.91 -17.62 1.25
CA VAL C 104 -41.66 -16.66 0.44
C VAL C 104 -43.13 -16.84 0.81
N LYS C 105 -43.70 -15.85 1.49
CA LYS C 105 -45.09 -15.93 1.91
C LYS C 105 -45.64 -14.51 2.05
N PRO C 106 -46.94 -14.33 1.88
CA PRO C 106 -47.54 -13.01 2.08
C PRO C 106 -47.77 -12.72 3.55
N ILE C 107 -47.71 -11.44 3.89
CA ILE C 107 -47.89 -10.98 5.28
C ILE C 107 -49.33 -10.53 5.47
N SER C 108 -49.90 -10.90 6.61
CA SER C 108 -51.29 -10.54 6.90
C SER C 108 -51.40 -9.06 7.22
N LEU C 109 -52.46 -8.44 6.71
CA LEU C 109 -52.71 -7.03 6.99
C LEU C 109 -53.10 -6.84 8.45
N ALA C 110 -52.55 -5.81 9.07
CA ALA C 110 -52.85 -5.51 10.47
C ALA C 110 -54.33 -5.20 10.63
N ASP C 111 -54.91 -5.70 11.72
CA ASP C 111 -56.32 -5.49 12.02
C ASP C 111 -56.57 -4.34 12.98
N HIS C 112 -55.52 -3.86 13.65
CA HIS C 112 -55.64 -2.76 14.59
C HIS C 112 -54.70 -1.64 14.19
N CYS C 113 -55.06 -0.41 14.55
CA CYS C 113 -54.16 0.70 14.30
C CYS C 113 -53.03 0.69 15.32
N THR C 114 -52.00 1.50 15.05
CA THR C 114 -50.82 1.52 15.88
C THR C 114 -51.16 2.02 17.29
N GLN C 115 -50.19 1.86 18.19
CA GLN C 115 -50.25 2.43 19.51
C GLN C 115 -48.86 2.97 19.85
N PRO C 116 -48.78 4.01 20.68
CA PRO C 116 -47.48 4.65 20.93
C PRO C 116 -46.53 3.72 21.66
N GLY C 117 -45.28 3.69 21.20
CA GLY C 117 -44.26 2.85 21.79
C GLY C 117 -44.22 1.43 21.30
N GLN C 118 -45.17 1.03 20.44
CA GLN C 118 -45.20 -0.33 19.94
C GLN C 118 -43.97 -0.62 19.08
N LYS C 119 -43.21 -1.63 19.48
CA LYS C 119 -41.97 -1.97 18.80
C LYS C 119 -42.26 -2.67 17.48
N CYS C 120 -41.44 -2.36 16.47
CA CYS C 120 -41.66 -2.84 15.11
C CYS C 120 -40.31 -3.16 14.47
N THR C 121 -40.36 -3.61 13.22
CA THR C 121 -39.16 -3.95 12.46
C THR C 121 -39.25 -3.37 11.07
N VAL C 122 -38.08 -3.13 10.46
CA VAL C 122 -37.97 -2.71 9.08
C VAL C 122 -36.85 -3.51 8.43
N SER C 123 -36.88 -3.58 7.11
CA SER C 123 -35.86 -4.27 6.34
C SER C 123 -35.68 -3.58 5.00
N GLY C 124 -34.53 -3.81 4.39
CA GLY C 124 -34.27 -3.26 3.07
C GLY C 124 -32.81 -3.36 2.72
N TRP C 125 -32.53 -3.12 1.43
CA TRP C 125 -31.18 -3.07 0.91
C TRP C 125 -30.66 -1.65 0.75
N GLY C 126 -31.27 -0.69 1.45
CA GLY C 126 -30.84 0.68 1.36
C GLY C 126 -29.49 0.90 2.03
N THR C 127 -29.06 2.15 2.00
CA THR C 127 -27.76 2.50 2.55
C THR C 127 -27.70 2.20 4.03
N VAL C 128 -26.51 1.80 4.49
CA VAL C 128 -26.27 1.56 5.90
C VAL C 128 -25.66 2.77 6.60
N THR C 129 -25.13 3.73 5.85
CA THR C 129 -24.65 4.98 6.39
C THR C 129 -25.36 6.16 5.74
N SER C 130 -25.44 7.26 6.46
CA SER C 130 -25.94 8.50 5.88
C SER C 130 -25.02 9.63 6.35
N PRO C 131 -24.56 10.52 5.45
CA PRO C 131 -24.76 10.47 3.99
C PRO C 131 -23.60 9.89 3.15
N ARG C 132 -22.79 9.01 3.74
CA ARG C 132 -21.56 8.52 3.10
C ARG C 132 -21.81 7.43 2.05
N GLU C 133 -23.05 6.98 1.87
CA GLU C 133 -23.44 6.05 0.80
C GLU C 133 -22.59 4.78 0.80
N ASN C 134 -22.78 3.98 1.85
CA ASN C 134 -22.27 2.60 1.90
C ASN C 134 -23.46 1.66 1.65
N PHE C 135 -23.57 1.16 0.43
CA PHE C 135 -24.70 0.30 0.07
C PHE C 135 -24.32 -1.16 0.28
N PRO C 136 -25.05 -1.90 1.11
CA PRO C 136 -24.65 -3.27 1.45
C PRO C 136 -25.22 -4.29 0.47
N ASP C 137 -24.68 -5.51 0.58
CA ASP C 137 -25.06 -6.61 -0.31
C ASP C 137 -26.24 -7.40 0.20
N THR C 138 -26.34 -7.60 1.51
CA THR C 138 -27.38 -8.45 2.10
C THR C 138 -28.48 -7.60 2.74
N LEU C 139 -29.67 -8.20 2.85
CA LEU C 139 -30.81 -7.53 3.45
C LEU C 139 -30.52 -7.15 4.89
N ASN C 140 -30.82 -5.91 5.25
CA ASN C 140 -30.52 -5.38 6.58
C ASN C 140 -31.82 -5.03 7.30
N CYS C 141 -31.92 -5.48 8.56
CA CYS C 141 -33.07 -5.25 9.40
C CYS C 141 -32.69 -4.35 10.57
N ALA C 142 -33.71 -3.75 11.19
CA ALA C 142 -33.54 -2.94 12.38
C ALA C 142 -34.87 -2.86 13.12
N GLU C 143 -34.80 -2.39 14.36
CA GLU C 143 -35.96 -2.25 15.22
C GLU C 143 -36.33 -0.78 15.37
N VAL C 144 -37.63 -0.51 15.46
CA VAL C 144 -38.15 0.83 15.66
C VAL C 144 -39.28 0.77 16.69
N LYS C 145 -39.76 1.96 17.07
CA LYS C 145 -40.91 2.11 17.93
C LYS C 145 -41.90 3.07 17.28
N ILE C 146 -43.19 2.84 17.54
CA ILE C 146 -44.21 3.72 17.00
C ILE C 146 -44.22 5.02 17.80
N PHE C 147 -44.18 6.14 17.09
CA PHE C 147 -44.28 7.41 17.81
C PHE C 147 -45.74 7.85 17.92
N PRO C 148 -46.07 8.60 18.97
CA PRO C 148 -47.38 9.27 19.00
C PRO C 148 -47.52 10.21 17.82
N GLN C 149 -48.74 10.29 17.30
CA GLN C 149 -48.98 11.08 16.10
C GLN C 149 -48.71 12.55 16.33
N LYS C 150 -49.08 13.07 17.50
CA LYS C 150 -48.83 14.47 17.81
C LYS C 150 -47.34 14.78 17.76
N LYS C 151 -46.51 13.87 18.27
CA LYS C 151 -45.06 14.08 18.20
C LYS C 151 -44.54 13.87 16.80
N CYS C 152 -45.24 13.07 15.98
CA CYS C 152 -44.89 12.93 14.58
C CYS C 152 -45.11 14.23 13.82
N GLU C 153 -46.20 14.93 14.13
CA GLU C 153 -46.50 16.19 13.46
C GLU C 153 -45.47 17.27 13.81
N ASP C 154 -45.04 17.33 15.07
CA ASP C 154 -44.14 18.39 15.48
C ASP C 154 -42.76 18.25 14.86
N ALA C 155 -42.34 17.02 14.52
CA ALA C 155 -41.05 16.82 13.89
C ALA C 155 -41.05 17.26 12.43
N TYR C 156 -42.15 17.05 11.73
CA TYR C 156 -42.33 17.50 10.35
C TYR C 156 -43.54 18.42 10.35
N PRO C 157 -43.35 19.70 10.62
CA PRO C 157 -44.48 20.59 10.93
C PRO C 157 -45.44 20.72 9.76
N GLY C 158 -46.71 20.38 10.01
CA GLY C 158 -47.73 20.48 9.00
C GLY C 158 -47.58 19.52 7.84
N GLN C 159 -46.68 18.54 7.95
CA GLN C 159 -46.47 17.57 6.89
C GLN C 159 -46.88 16.17 7.29
N ILE C 160 -47.55 16.01 8.43
CA ILE C 160 -47.94 14.70 8.94
C ILE C 160 -49.46 14.64 8.98
N THR C 161 -50.03 13.76 8.17
CA THR C 161 -51.46 13.53 8.14
C THR C 161 -51.81 12.34 9.02
N ASP C 162 -53.06 11.89 8.96
CA ASP C 162 -53.43 10.64 9.61
C ASP C 162 -53.14 9.43 8.73
N GLY C 163 -52.87 9.63 7.45
CA GLY C 163 -52.42 8.57 6.58
C GLY C 163 -50.92 8.43 6.60
N MET C 164 -50.31 8.85 7.70
CA MET C 164 -48.90 8.68 7.96
C MET C 164 -48.71 8.16 9.38
N VAL C 165 -47.60 7.48 9.61
CA VAL C 165 -47.22 7.00 10.93
C VAL C 165 -45.72 7.14 11.09
N CYS C 166 -45.29 7.56 12.28
CA CYS C 166 -43.88 7.79 12.56
C CYS C 166 -43.30 6.60 13.30
N ALA C 167 -42.08 6.22 12.90
CA ALA C 167 -41.34 5.16 13.56
C ALA C 167 -39.87 5.53 13.55
N GLY C 168 -39.30 5.71 14.73
CA GLY C 168 -37.90 6.06 14.85
C GLY C 168 -37.28 5.41 16.07
N SER C 169 -36.05 5.76 16.38
CA SER C 169 -35.38 5.19 17.53
C SER C 169 -34.14 6.00 17.86
N SER C 170 -33.63 5.80 19.08
CA SER C 170 -32.48 6.56 19.55
C SER C 170 -31.17 5.97 19.07
N LYS C 171 -31.05 4.63 19.12
CA LYS C 171 -29.78 3.98 18.82
C LYS C 171 -29.28 4.26 17.40
N GLY C 172 -30.17 4.59 16.48
CA GLY C 172 -29.75 4.98 15.15
C GLY C 172 -30.46 4.22 14.03
N ALA C 173 -31.45 3.42 14.40
CA ALA C 173 -32.18 2.64 13.42
C ALA C 173 -33.13 3.54 12.63
N ASP C 174 -32.98 3.53 11.31
CA ASP C 174 -33.81 4.34 10.43
C ASP C 174 -33.54 3.95 8.99
N THR C 175 -34.58 3.93 8.16
CA THR C 175 -34.41 3.68 6.74
C THR C 175 -33.69 4.86 6.09
N CYS C 176 -33.38 4.71 4.80
CA CYS C 176 -32.67 5.72 4.03
C CYS C 176 -32.90 5.42 2.55
N GLN C 177 -32.10 6.05 1.69
CA GLN C 177 -32.17 5.80 0.27
C GLN C 177 -32.01 4.30 -0.01
N GLY C 178 -32.96 3.73 -0.73
CA GLY C 178 -32.96 2.32 -1.08
C GLY C 178 -33.97 1.48 -0.33
N ASP C 179 -34.50 1.99 0.78
CA ASP C 179 -35.43 1.22 1.61
C ASP C 179 -36.89 1.57 1.36
N SER C 180 -37.18 2.45 0.41
CA SER C 180 -38.56 2.88 0.19
C SER C 180 -39.39 1.75 -0.41
N GLY C 181 -40.66 1.71 -0.03
CA GLY C 181 -41.49 0.56 -0.29
C GLY C 181 -41.31 -0.58 0.69
N GLY C 182 -40.23 -0.57 1.46
CA GLY C 182 -39.95 -1.61 2.42
C GLY C 182 -41.03 -1.71 3.48
N PRO C 183 -41.00 -2.80 4.24
CA PRO C 183 -42.08 -3.08 5.19
C PRO C 183 -41.88 -2.39 6.52
N LEU C 184 -42.97 -2.31 7.27
CA LEU C 184 -42.99 -1.94 8.68
C LEU C 184 -43.87 -2.96 9.38
N VAL C 185 -43.26 -3.88 10.11
CA VAL C 185 -43.95 -5.03 10.68
C VAL C 185 -44.04 -4.87 12.18
N CYS C 186 -45.23 -5.07 12.73
CA CYS C 186 -45.44 -5.08 14.18
C CYS C 186 -46.46 -6.17 14.48
N ASP C 187 -46.17 -6.98 15.50
CA ASP C 187 -47.02 -8.10 15.89
C ASP C 187 -47.27 -9.04 14.71
N GLY C 188 -46.22 -9.26 13.91
CA GLY C 188 -46.30 -10.13 12.77
C GLY C 188 -47.10 -9.61 11.60
N ALA C 189 -47.60 -8.37 11.67
CA ALA C 189 -48.43 -7.80 10.62
C ALA C 189 -47.79 -6.52 10.10
N LEU C 190 -47.98 -6.26 8.80
CA LEU C 190 -47.43 -5.07 8.17
C LEU C 190 -48.20 -3.85 8.63
N GLN C 191 -47.51 -2.89 9.24
CA GLN C 191 -48.15 -1.66 9.70
C GLN C 191 -47.86 -0.46 8.82
N GLY C 192 -46.78 -0.47 8.06
CA GLY C 192 -46.44 0.71 7.28
C GLY C 192 -45.57 0.38 6.09
N ILE C 193 -45.47 1.37 5.20
CA ILE C 193 -44.62 1.33 4.02
C ILE C 193 -43.68 2.53 4.08
N THR C 194 -42.38 2.26 3.96
CA THR C 194 -41.37 3.31 4.07
C THR C 194 -41.60 4.40 3.03
N SER C 195 -42.00 5.58 3.48
CA SER C 195 -42.31 6.68 2.57
C SER C 195 -41.19 7.72 2.50
N TRP C 196 -40.86 8.35 3.62
CA TRP C 196 -39.86 9.41 3.63
C TRP C 196 -39.34 9.60 5.04
N GLY C 197 -38.27 10.39 5.15
CA GLY C 197 -37.68 10.64 6.44
C GLY C 197 -36.65 11.75 6.40
N SER C 198 -35.72 11.71 7.35
CA SER C 198 -34.80 12.79 7.62
C SER C 198 -33.62 12.78 6.64
N ASP C 199 -32.86 13.87 6.67
CA ASP C 199 -31.66 14.06 5.86
C ASP C 199 -30.60 14.78 6.69
N PRO C 200 -29.52 14.09 7.12
CA PRO C 200 -29.26 12.66 6.92
C PRO C 200 -30.21 11.75 7.70
N CYS C 201 -30.20 10.47 7.34
CA CYS C 201 -31.07 9.49 7.97
C CYS C 201 -30.56 9.13 9.35
N GLY C 202 -31.44 8.55 10.15
CA GLY C 202 -31.04 8.08 11.47
C GLY C 202 -30.88 9.15 12.52
N ARG C 203 -31.66 10.22 12.45
CA ARG C 203 -31.57 11.31 13.40
C ARG C 203 -32.47 11.02 14.61
N SER C 204 -31.91 11.18 15.81
CA SER C 204 -32.65 10.92 17.04
C SER C 204 -33.77 11.93 17.27
N ASP C 205 -33.79 13.04 16.53
CA ASP C 205 -34.86 14.01 16.64
C ASP C 205 -35.95 13.81 15.59
N LYS C 206 -35.64 13.13 14.50
CA LYS C 206 -36.58 12.94 13.40
C LYS C 206 -36.79 11.45 13.13
N PRO C 207 -37.98 10.92 13.30
CA PRO C 207 -38.24 9.52 12.96
C PRO C 207 -38.63 9.37 11.49
N GLY C 208 -38.58 8.12 11.02
CA GLY C 208 -39.02 7.82 9.68
C GLY C 208 -40.54 7.88 9.56
N VAL C 209 -41.00 8.26 8.38
CA VAL C 209 -42.43 8.45 8.12
C VAL C 209 -42.91 7.29 7.25
N TYR C 210 -43.88 6.55 7.76
CA TYR C 210 -44.41 5.37 7.11
C TYR C 210 -45.90 5.55 6.84
N THR C 211 -46.39 4.83 5.84
CA THR C 211 -47.80 4.89 5.47
C THR C 211 -48.59 3.95 6.38
N ASN C 212 -49.40 4.52 7.27
CA ASN C 212 -50.12 3.71 8.25
C ASN C 212 -51.13 2.82 7.54
N ILE C 213 -50.81 1.52 7.44
CA ILE C 213 -51.66 0.59 6.70
C ILE C 213 -53.04 0.49 7.33
N CYS C 214 -53.13 0.62 8.66
CA CYS C 214 -54.38 0.34 9.35
C CYS C 214 -55.52 1.25 8.92
N ARG C 215 -55.22 2.36 8.23
CA ARG C 215 -56.27 3.24 7.75
C ARG C 215 -56.69 2.94 6.31
N TYR C 216 -55.82 2.30 5.53
CA TYR C 216 -56.09 2.00 4.12
C TYR C 216 -56.61 0.58 3.92
N LEU C 217 -57.16 -0.02 4.98
CA LEU C 217 -57.56 -1.43 4.92
C LEU C 217 -58.57 -1.68 3.82
N ASP C 218 -59.70 -0.98 3.84
CA ASP C 218 -60.77 -1.23 2.89
C ASP C 218 -60.36 -0.87 1.46
N TRP C 219 -59.28 -0.11 1.27
CA TRP C 219 -58.78 0.11 -0.08
C TRP C 219 -57.90 -1.05 -0.54
N ILE C 220 -57.09 -1.60 0.37
CA ILE C 220 -56.24 -2.73 0.02
C ILE C 220 -57.09 -4.00 -0.13
N LYS C 221 -57.81 -4.36 0.93
CA LYS C 221 -58.62 -5.58 0.91
C LYS C 221 -59.65 -5.60 -0.22
N LYS C 222 -59.98 -4.43 -0.77
CA LYS C 222 -60.87 -4.40 -1.93
C LYS C 222 -60.13 -4.85 -3.20
N ILE C 223 -58.86 -4.50 -3.32
CA ILE C 223 -58.09 -4.87 -4.51
C ILE C 223 -57.39 -6.21 -4.36
N ILE C 224 -57.11 -6.64 -3.13
CA ILE C 224 -56.61 -8.00 -2.91
C ILE C 224 -57.74 -9.02 -2.98
N GLY C 225 -58.99 -8.59 -2.83
CA GLY C 225 -60.10 -9.51 -2.78
C GLY C 225 -61.06 -9.43 -3.95
N SER C 226 -60.82 -8.52 -4.89
CA SER C 226 -61.62 -8.44 -6.11
C SER C 226 -60.81 -8.65 -7.38
N LYS C 227 -59.74 -7.89 -7.58
CA LYS C 227 -59.00 -7.96 -8.84
C LYS C 227 -58.12 -9.21 -8.90
N GLY C 228 -57.21 -9.36 -7.94
CA GLY C 228 -56.35 -10.52 -7.91
C GLY C 228 -57.07 -11.77 -7.45
N VAL D 1 51.70 2.85 2.05
CA VAL D 1 52.31 2.97 0.72
C VAL D 1 53.82 3.05 0.84
N LEU D 2 54.52 2.21 0.08
CA LEU D 2 55.97 2.14 0.09
C LEU D 2 56.55 2.67 -1.21
N GLY D 3 57.85 2.96 -1.19
CA GLY D 3 58.51 3.50 -2.35
C GLY D 3 57.89 4.76 -2.89
N GLY D 4 57.17 5.50 -2.06
CA GLY D 4 56.47 6.68 -2.51
C GLY D 4 56.67 7.87 -1.61
N HIS D 5 55.77 8.86 -1.74
CA HIS D 5 55.88 10.11 -1.01
C HIS D 5 54.50 10.51 -0.52
N GLU D 6 54.47 11.50 0.36
CA GLU D 6 53.20 12.05 0.81
C GLU D 6 52.50 12.77 -0.34
N CYS D 7 51.24 12.40 -0.58
CA CYS D 7 50.48 13.06 -1.64
C CYS D 7 50.35 14.55 -1.36
N GLN D 8 50.27 15.33 -2.42
CA GLN D 8 49.80 16.69 -2.28
C GLN D 8 48.37 16.62 -1.77
N PRO D 9 48.06 17.22 -0.62
CA PRO D 9 46.71 17.09 -0.05
C PRO D 9 45.63 17.45 -1.05
N HIS D 10 44.67 16.52 -1.23
CA HIS D 10 43.51 16.63 -2.09
C HIS D 10 43.83 16.49 -3.57
N SER D 11 45.07 16.12 -3.91
CA SER D 11 45.33 15.69 -5.28
C SER D 11 44.67 14.35 -5.61
N GLN D 12 44.22 13.62 -4.60
CA GLN D 12 43.49 12.37 -4.75
C GLN D 12 42.10 12.54 -4.15
N PRO D 13 41.21 13.28 -4.84
CA PRO D 13 39.90 13.59 -4.24
C PRO D 13 39.02 12.36 -4.09
N TRP D 14 39.23 11.32 -4.91
CA TRP D 14 38.42 10.11 -4.84
C TRP D 14 38.66 9.32 -3.58
N GLN D 15 39.81 9.51 -2.93
CA GLN D 15 40.16 8.72 -1.76
C GLN D 15 39.10 8.82 -0.66
N ALA D 16 38.41 7.73 -0.42
CA ALA D 16 37.59 7.58 0.77
C ALA D 16 38.42 6.90 1.83
N ALA D 17 37.80 6.59 2.97
CA ALA D 17 38.49 5.87 4.03
C ALA D 17 37.46 5.26 4.95
N LEU D 18 37.47 3.94 5.07
CA LEU D 18 36.53 3.26 5.95
C LEU D 18 37.00 3.37 7.40
N PHE D 19 36.05 3.59 8.30
CA PHE D 19 36.35 3.87 9.70
C PHE D 19 35.37 3.18 10.62
N GLN D 20 35.87 2.75 11.78
CA GLN D 20 35.07 2.16 12.84
C GLN D 20 35.09 3.05 14.08
N GLY D 21 34.93 4.35 13.87
CA GLY D 21 35.18 5.32 14.92
C GLY D 21 36.45 6.10 14.63
N GLN D 22 37.53 5.77 15.33
CA GLN D 22 38.83 6.37 15.05
C GLN D 22 39.77 5.44 14.31
N GLN D 23 39.62 4.12 14.46
CA GLN D 23 40.56 3.17 13.90
C GLN D 23 40.27 2.94 12.41
N LEU D 24 41.30 3.02 11.59
CA LEU D 24 41.16 2.79 10.16
C LEU D 24 40.88 1.32 9.88
N LEU D 25 39.89 1.07 9.04
CA LEU D 25 39.54 -0.29 8.61
C LEU D 25 40.13 -0.61 7.25
N CYS D 26 39.86 0.22 6.25
CA CYS D 26 40.25 -0.03 4.88
C CYS D 26 40.32 1.29 4.13
N GLY D 27 41.01 1.27 3.00
CA GLY D 27 40.88 2.34 2.05
C GLY D 27 39.49 2.36 1.44
N GLY D 28 39.32 3.23 0.46
CA GLY D 28 38.04 3.36 -0.19
C GLY D 28 38.10 4.32 -1.35
N VAL D 29 37.20 4.15 -2.32
CA VAL D 29 37.16 5.02 -3.50
C VAL D 29 35.72 5.45 -3.70
N LEU D 30 35.48 6.76 -3.60
CA LEU D 30 34.17 7.33 -3.91
C LEU D 30 33.91 7.20 -5.39
N VAL D 31 32.99 6.31 -5.77
CA VAL D 31 32.63 6.13 -7.17
C VAL D 31 31.30 6.79 -7.51
N GLY D 32 30.47 7.10 -6.53
CA GLY D 32 29.25 7.85 -6.74
C GLY D 32 29.04 8.85 -5.62
N GLY D 33 27.98 9.64 -5.74
CA GLY D 33 27.69 10.63 -4.71
C GLY D 33 27.55 10.00 -3.33
N ASN D 34 26.85 8.88 -3.25
CA ASN D 34 26.67 8.13 -2.02
C ASN D 34 27.07 6.68 -2.19
N TRP D 35 28.11 6.43 -2.98
CA TRP D 35 28.59 5.07 -3.22
C TRP D 35 30.10 5.06 -3.17
N VAL D 36 30.67 4.32 -2.22
CA VAL D 36 32.10 4.14 -2.08
C VAL D 36 32.45 2.70 -2.43
N LEU D 37 33.47 2.53 -3.27
CA LEU D 37 33.93 1.21 -3.68
C LEU D 37 35.09 0.77 -2.79
N THR D 38 34.98 -0.45 -2.24
CA THR D 38 35.99 -0.98 -1.35
C THR D 38 36.10 -2.48 -1.57
N ALA D 39 36.96 -3.12 -0.79
CA ALA D 39 37.17 -4.55 -0.86
C ALA D 39 36.17 -5.29 0.03
N ALA D 40 35.80 -6.50 -0.39
CA ALA D 40 34.74 -7.24 0.29
C ALA D 40 35.18 -7.73 1.66
N HIS D 41 36.46 -7.99 1.85
CA HIS D 41 36.91 -8.45 3.16
C HIS D 41 36.92 -7.33 4.21
N CYS D 42 36.67 -6.09 3.80
CA CYS D 42 36.48 -5.00 4.73
C CYS D 42 35.10 -5.00 5.37
N LYS D 43 34.20 -5.89 4.93
CA LYS D 43 32.83 -5.86 5.39
C LYS D 43 32.74 -6.10 6.89
N LYS D 44 32.15 -5.15 7.60
CA LYS D 44 31.94 -5.19 9.04
C LYS D 44 30.48 -4.89 9.32
N PRO D 45 29.98 -5.25 10.50
CA PRO D 45 28.57 -4.94 10.82
C PRO D 45 28.31 -3.47 11.11
N LYS D 46 29.34 -2.66 11.34
CA LYS D 46 29.12 -1.25 11.65
C LYS D 46 30.40 -0.47 11.36
N TYR D 47 30.26 0.62 10.62
CA TYR D 47 31.40 1.47 10.24
C TYR D 47 30.86 2.69 9.51
N THR D 48 31.78 3.61 9.17
CA THR D 48 31.44 4.83 8.45
C THR D 48 32.58 5.19 7.51
N VAL D 49 32.30 6.11 6.59
CA VAL D 49 33.24 6.54 5.56
C VAL D 49 33.54 8.02 5.75
N ARG D 50 34.79 8.41 5.49
CA ARG D 50 35.20 9.81 5.50
C ARG D 50 35.80 10.18 4.16
N LEU D 51 35.43 11.36 3.66
CA LEU D 51 35.91 11.87 2.38
C LEU D 51 36.80 13.09 2.59
N GLY D 52 37.60 13.39 1.57
CA GLY D 52 38.42 14.60 1.56
C GLY D 52 39.38 14.74 2.71
N ASP D 53 39.96 13.63 3.16
CA ASP D 53 40.89 13.62 4.28
C ASP D 53 42.33 13.60 3.77
N HIS D 54 43.23 14.19 4.55
CA HIS D 54 44.66 14.05 4.25
C HIS D 54 45.43 13.63 5.49
N SER D 55 44.98 14.09 6.67
CA SER D 55 45.58 13.72 7.94
C SER D 55 44.49 13.14 8.84
N LEU D 56 44.74 11.94 9.37
CA LEU D 56 43.75 11.32 10.24
C LEU D 56 43.55 12.11 11.53
N GLN D 57 44.60 12.75 12.04
CA GLN D 57 44.49 13.36 13.35
C GLN D 57 43.84 14.73 13.30
N ASN D 58 44.17 15.53 12.28
CA ASN D 58 43.97 16.97 12.34
C ASN D 58 42.84 17.45 11.41
N LYS D 59 42.64 18.77 11.43
CA LYS D 59 41.49 19.40 10.79
C LYS D 59 41.90 19.84 9.39
N ASP D 60 41.49 19.07 8.38
CA ASP D 60 41.84 19.39 7.01
C ASP D 60 40.91 20.45 6.43
N GLY D 61 39.60 20.31 6.68
CA GLY D 61 38.63 21.27 6.25
C GLY D 61 37.59 20.69 5.30
N PRO D 62 38.02 19.92 4.27
CA PRO D 62 37.06 19.17 3.45
C PRO D 62 36.76 17.77 3.99
N GLU D 63 36.47 17.68 5.29
CA GLU D 63 36.15 16.41 5.91
C GLU D 63 34.63 16.21 5.92
N GLN D 64 34.19 15.04 5.47
CA GLN D 64 32.79 14.65 5.54
C GLN D 64 32.72 13.22 6.05
N GLU D 65 31.97 13.00 7.12
CA GLU D 65 31.80 11.68 7.72
C GLU D 65 30.34 11.30 7.62
N ILE D 66 30.05 10.29 6.79
CA ILE D 66 28.69 9.88 6.48
C ILE D 66 28.55 8.41 6.85
N PRO D 67 27.55 8.03 7.63
CA PRO D 67 27.34 6.61 7.94
C PRO D 67 26.72 5.86 6.77
N VAL D 68 27.12 4.60 6.64
CA VAL D 68 26.66 3.77 5.54
C VAL D 68 25.29 3.18 5.89
N VAL D 69 24.50 2.90 4.85
CA VAL D 69 23.13 2.46 5.05
C VAL D 69 22.91 1.08 4.42
N GLN D 70 23.68 0.76 3.38
CA GLN D 70 23.57 -0.55 2.74
C GLN D 70 24.95 -1.07 2.39
N SER D 71 25.21 -2.33 2.72
CA SER D 71 26.42 -3.03 2.34
C SER D 71 26.07 -4.10 1.31
N ILE D 72 26.77 -4.08 0.18
CA ILE D 72 26.52 -5.06 -0.88
C ILE D 72 27.86 -5.64 -1.35
N PRO D 73 28.36 -6.70 -0.72
CA PRO D 73 29.52 -7.39 -1.28
C PRO D 73 29.11 -8.19 -2.51
N HIS D 74 30.11 -8.53 -3.32
CA HIS D 74 29.84 -9.33 -4.51
C HIS D 74 29.26 -10.68 -4.11
N PRO D 75 28.18 -11.13 -4.75
CA PRO D 75 27.54 -12.37 -4.29
C PRO D 75 28.38 -13.62 -4.51
N CYS D 76 29.33 -13.58 -5.44
CA CYS D 76 30.24 -14.70 -5.63
C CYS D 76 31.36 -14.74 -4.58
N TYR D 77 31.62 -13.61 -3.92
CA TYR D 77 32.68 -13.56 -2.93
C TYR D 77 32.30 -14.38 -1.71
N ASN D 78 33.28 -15.13 -1.19
CA ASN D 78 33.11 -15.95 0.00
C ASN D 78 34.02 -15.40 1.09
N SER D 79 33.43 -15.06 2.23
CA SER D 79 34.17 -14.33 3.26
C SER D 79 35.35 -15.15 3.79
N SER D 80 35.07 -16.32 4.35
CA SER D 80 36.04 -17.01 5.19
C SER D 80 37.04 -17.84 4.39
N ASP D 81 37.20 -17.61 3.10
CA ASP D 81 38.30 -18.23 2.35
C ASP D 81 39.46 -17.24 2.31
N VAL D 82 40.41 -17.43 3.22
CA VAL D 82 41.67 -16.70 3.20
C VAL D 82 42.50 -17.07 1.98
N GLU D 83 42.27 -18.26 1.42
CA GLU D 83 43.14 -18.77 0.37
C GLU D 83 42.90 -18.02 -0.95
N ASP D 84 41.64 -18.01 -1.40
CA ASP D 84 41.27 -17.40 -2.65
C ASP D 84 40.40 -16.17 -2.38
N HIS D 85 40.81 -15.03 -2.90
CA HIS D 85 40.20 -13.74 -2.67
C HIS D 85 39.63 -13.17 -3.95
N ASN D 86 38.99 -14.02 -4.74
CA ASN D 86 38.40 -13.58 -6.00
C ASN D 86 37.12 -12.79 -5.73
N HIS D 87 36.74 -11.96 -6.70
CA HIS D 87 35.58 -11.08 -6.58
C HIS D 87 35.70 -10.19 -5.35
N ASP D 88 36.93 -9.83 -4.98
CA ASP D 88 37.19 -9.04 -3.79
C ASP D 88 36.71 -7.60 -4.02
N LEU D 89 35.42 -7.38 -3.79
CA LEU D 89 34.80 -6.12 -4.14
C LEU D 89 33.52 -5.96 -3.33
N MET D 90 33.24 -4.74 -2.89
CA MET D 90 32.04 -4.47 -2.11
C MET D 90 31.61 -3.04 -2.35
N LEU D 91 30.29 -2.85 -2.49
CA LEU D 91 29.71 -1.54 -2.65
C LEU D 91 28.92 -1.16 -1.40
N LEU D 92 29.09 0.09 -0.96
CA LEU D 92 28.38 0.63 0.19
C LEU D 92 27.70 1.91 -0.23
N GLN D 93 26.45 2.08 0.18
CA GLN D 93 25.72 3.31 -0.08
C GLN D 93 25.77 4.18 1.18
N LEU D 94 26.02 5.47 0.97
CA LEU D 94 26.06 6.40 2.08
C LEU D 94 24.66 6.91 2.39
N ARG D 95 24.46 7.31 3.64
CA ARG D 95 23.16 7.86 4.04
C ARG D 95 22.91 9.21 3.39
N ASP D 96 23.97 10.00 3.18
CA ASP D 96 23.85 11.34 2.64
C ASP D 96 24.70 11.45 1.37
N GLN D 97 24.30 12.37 0.49
CA GLN D 97 25.11 12.68 -0.68
C GLN D 97 26.29 13.55 -0.27
N ALA D 98 27.49 13.16 -0.68
CA ALA D 98 28.70 13.84 -0.25
C ALA D 98 28.82 15.21 -0.91
N SER D 99 29.49 16.12 -0.21
CA SER D 99 29.72 17.47 -0.72
C SER D 99 30.92 17.47 -1.66
N LEU D 100 30.73 18.02 -2.86
CA LEU D 100 31.70 17.89 -3.93
C LEU D 100 32.36 19.21 -4.26
N GLY D 101 33.46 19.12 -5.00
CA GLY D 101 34.22 20.30 -5.41
C GLY D 101 35.59 19.87 -5.90
N SER D 102 36.58 20.73 -5.66
CA SER D 102 37.94 20.46 -6.07
C SER D 102 38.66 19.51 -5.14
N LYS D 103 38.21 19.37 -3.89
CA LYS D 103 38.89 18.56 -2.89
C LYS D 103 38.20 17.24 -2.59
N VAL D 104 36.88 17.16 -2.76
CA VAL D 104 36.13 15.92 -2.63
C VAL D 104 35.43 15.66 -3.95
N LYS D 105 35.72 14.51 -4.56
CA LYS D 105 35.25 14.25 -5.92
C LYS D 105 35.27 12.76 -6.20
N PRO D 106 34.25 12.21 -6.87
CA PRO D 106 34.32 10.82 -7.31
C PRO D 106 35.15 10.67 -8.58
N ILE D 107 35.73 9.48 -8.73
CA ILE D 107 36.62 9.19 -9.86
C ILE D 107 35.86 8.34 -10.87
N SER D 108 36.27 8.46 -12.13
CA SER D 108 35.64 7.72 -13.21
C SER D 108 36.15 6.28 -13.23
N LEU D 109 35.22 5.32 -13.26
CA LEU D 109 35.60 3.94 -13.46
C LEU D 109 36.28 3.77 -14.81
N ALA D 110 37.25 2.87 -14.87
CA ALA D 110 38.02 2.65 -16.09
C ALA D 110 37.18 1.82 -17.06
N ASP D 111 36.79 2.44 -18.17
CA ASP D 111 36.15 1.72 -19.27
C ASP D 111 37.16 1.10 -20.22
N HIS D 112 38.45 1.17 -19.88
CA HIS D 112 39.53 0.52 -20.62
C HIS D 112 40.37 -0.29 -19.64
N CYS D 113 40.64 -1.55 -19.98
CA CYS D 113 41.64 -2.29 -19.22
C CYS D 113 43.03 -1.75 -19.55
N THR D 114 43.94 -1.91 -18.61
CA THR D 114 45.27 -1.33 -18.79
C THR D 114 46.22 -2.30 -19.47
N GLN D 115 47.38 -1.78 -19.85
CA GLN D 115 48.44 -2.48 -20.55
C GLN D 115 49.65 -2.61 -19.64
N PRO D 116 50.39 -3.72 -19.72
CA PRO D 116 51.58 -3.89 -18.87
C PRO D 116 52.57 -2.75 -19.07
N GLY D 117 53.26 -2.41 -17.99
CA GLY D 117 54.21 -1.31 -18.00
C GLY D 117 53.60 0.07 -17.91
N GLN D 118 52.27 0.18 -17.92
CA GLN D 118 51.63 1.48 -17.88
C GLN D 118 51.77 2.11 -16.50
N LYS D 119 52.14 3.38 -16.46
CA LYS D 119 52.34 4.07 -15.19
C LYS D 119 51.01 4.33 -14.50
N CYS D 120 50.97 4.07 -13.19
CA CYS D 120 49.77 4.21 -12.39
C CYS D 120 50.13 4.91 -11.09
N THR D 121 49.12 5.10 -10.23
CA THR D 121 49.31 5.74 -8.94
C THR D 121 48.45 5.04 -7.90
N VAL D 122 49.03 4.76 -6.75
CA VAL D 122 48.31 4.18 -5.61
C VAL D 122 48.45 5.12 -4.44
N SER D 123 47.45 5.06 -3.54
CA SER D 123 47.45 5.92 -2.37
C SER D 123 46.72 5.21 -1.24
N GLY D 124 47.01 5.61 -0.02
CA GLY D 124 46.35 5.05 1.13
C GLY D 124 47.06 5.44 2.41
N TRP D 125 46.44 5.04 3.52
CA TRP D 125 46.97 5.29 4.86
C TRP D 125 47.50 4.01 5.51
N GLY D 126 48.01 3.09 4.70
CA GLY D 126 48.70 1.93 5.23
C GLY D 126 50.17 2.21 5.41
N THR D 127 50.84 1.28 6.10
CA THR D 127 52.20 1.51 6.57
C THR D 127 53.14 1.94 5.44
N VAL D 128 54.13 2.75 5.80
CA VAL D 128 55.18 3.12 4.87
C VAL D 128 56.31 2.11 4.88
N THR D 129 56.14 1.02 5.63
CA THR D 129 57.19 0.02 5.75
C THR D 129 56.60 -1.38 5.83
N SER D 130 57.33 -2.31 5.24
CA SER D 130 57.45 -3.65 5.76
C SER D 130 58.94 -3.87 5.97
N PRO D 131 59.39 -4.40 7.12
CA PRO D 131 58.76 -5.23 8.15
C PRO D 131 57.76 -4.64 9.15
N ARG D 132 58.04 -3.46 9.70
CA ARG D 132 57.55 -3.14 11.01
C ARG D 132 56.28 -2.35 11.03
N GLU D 133 55.63 -2.07 9.89
CA GLU D 133 54.41 -1.28 9.98
C GLU D 133 54.57 0.13 10.57
N ASN D 134 54.99 1.06 9.74
CA ASN D 134 55.04 2.47 10.08
C ASN D 134 53.85 3.12 9.39
N PHE D 135 52.69 3.02 10.04
CA PHE D 135 51.47 3.64 9.54
C PHE D 135 51.60 5.16 9.58
N PRO D 136 51.50 5.84 8.44
CA PRO D 136 51.69 7.29 8.41
C PRO D 136 50.39 8.06 8.63
N ASP D 137 50.55 9.33 8.99
CA ASP D 137 49.42 10.23 9.20
C ASP D 137 48.94 10.84 7.90
N THR D 138 49.87 11.32 7.08
CA THR D 138 49.51 11.93 5.81
C THR D 138 49.35 10.88 4.73
N LEU D 139 48.40 11.12 3.82
CA LEU D 139 48.17 10.20 2.70
C LEU D 139 49.38 10.16 1.79
N ASN D 140 49.91 8.95 1.55
CA ASN D 140 51.08 8.78 0.72
C ASN D 140 50.69 8.30 -0.68
N CYS D 141 51.49 8.69 -1.66
CA CYS D 141 51.28 8.36 -3.06
C CYS D 141 52.55 7.73 -3.62
N ALA D 142 52.39 6.90 -4.65
CA ALA D 142 53.53 6.26 -5.29
C ALA D 142 53.21 5.94 -6.74
N GLU D 143 54.25 5.96 -7.56
CA GLU D 143 54.15 5.61 -8.98
C GLU D 143 54.42 4.12 -9.17
N VAL D 144 53.53 3.45 -9.89
CA VAL D 144 53.58 1.99 -10.03
C VAL D 144 53.18 1.62 -11.45
N LYS D 145 53.85 0.62 -12.01
CA LYS D 145 53.59 0.14 -13.36
C LYS D 145 52.86 -1.20 -13.33
N ILE D 146 52.02 -1.42 -14.34
CA ILE D 146 51.26 -2.66 -14.45
C ILE D 146 52.17 -3.74 -15.02
N PHE D 147 52.13 -4.94 -14.41
CA PHE D 147 52.83 -6.09 -14.94
C PHE D 147 51.88 -6.96 -15.75
N PRO D 148 52.38 -7.65 -16.78
CA PRO D 148 51.50 -8.52 -17.58
C PRO D 148 51.06 -9.73 -16.78
N GLN D 149 49.96 -10.34 -17.26
CA GLN D 149 49.36 -11.47 -16.56
C GLN D 149 50.36 -12.61 -16.38
N LYS D 150 51.32 -12.75 -17.29
CA LYS D 150 52.28 -13.84 -17.20
C LYS D 150 53.17 -13.69 -15.96
N LYS D 151 53.93 -12.60 -15.89
CA LYS D 151 54.76 -12.36 -14.71
C LYS D 151 53.91 -12.24 -13.45
N CYS D 152 52.68 -11.76 -13.59
CA CYS D 152 51.73 -11.77 -12.49
C CYS D 152 51.45 -13.20 -12.02
N GLU D 153 50.98 -14.05 -12.95
CA GLU D 153 50.76 -15.45 -12.60
C GLU D 153 52.06 -16.14 -12.23
N ASP D 154 53.19 -15.72 -12.81
CA ASP D 154 54.48 -16.26 -12.41
C ASP D 154 54.74 -16.01 -10.93
N ALA D 155 54.43 -14.81 -10.44
CA ALA D 155 54.73 -14.47 -9.06
C ALA D 155 53.90 -15.30 -8.10
N TYR D 156 52.58 -15.37 -8.31
CA TYR D 156 51.66 -16.10 -7.46
C TYR D 156 51.01 -17.20 -8.28
N PRO D 157 51.69 -18.35 -8.42
CA PRO D 157 51.11 -19.43 -9.23
C PRO D 157 49.81 -19.95 -8.63
N GLY D 158 48.81 -20.13 -9.51
CA GLY D 158 47.55 -20.72 -9.12
C GLY D 158 46.59 -19.82 -8.40
N GLN D 159 47.01 -18.63 -7.97
CA GLN D 159 46.16 -17.73 -7.20
C GLN D 159 45.51 -16.65 -8.04
N ILE D 160 46.17 -16.18 -9.09
CA ILE D 160 45.70 -15.02 -9.84
C ILE D 160 44.60 -15.45 -10.81
N THR D 161 43.48 -14.73 -10.77
CA THR D 161 42.41 -14.90 -11.73
C THR D 161 42.48 -13.77 -12.77
N ASP D 162 41.49 -13.73 -13.66
CA ASP D 162 41.38 -12.63 -14.60
C ASP D 162 40.71 -11.41 -13.99
N GLY D 163 40.08 -11.56 -12.83
CA GLY D 163 39.50 -10.44 -12.11
C GLY D 163 40.50 -9.78 -11.19
N MET D 164 41.79 -9.99 -11.48
CA MET D 164 42.88 -9.38 -10.73
C MET D 164 43.86 -8.75 -11.70
N VAL D 165 44.62 -7.77 -11.20
CA VAL D 165 45.63 -7.08 -11.99
C VAL D 165 46.84 -6.83 -11.11
N CYS D 166 48.02 -7.21 -11.60
CA CYS D 166 49.26 -7.02 -10.86
C CYS D 166 49.89 -5.68 -11.21
N ALA D 167 50.37 -4.99 -10.19
CA ALA D 167 51.02 -3.70 -10.38
C ALA D 167 52.14 -3.55 -9.37
N GLY D 168 53.31 -3.16 -9.83
CA GLY D 168 54.45 -2.99 -8.95
C GLY D 168 55.49 -2.10 -9.57
N SER D 169 56.70 -2.16 -9.02
CA SER D 169 57.81 -1.35 -9.50
C SER D 169 59.10 -1.91 -8.91
N SER D 170 60.22 -1.52 -9.52
CA SER D 170 61.53 -1.90 -9.03
C SER D 170 62.05 -0.96 -7.96
N LYS D 171 61.66 0.32 -8.01
CA LYS D 171 62.07 1.34 -7.06
C LYS D 171 61.60 1.02 -5.64
N GLY D 172 60.84 -0.07 -5.50
CA GLY D 172 60.25 -0.41 -4.23
C GLY D 172 58.84 0.11 -4.03
N ALA D 173 58.26 0.73 -5.05
CA ALA D 173 56.92 1.25 -4.94
C ALA D 173 55.91 0.12 -4.88
N ASP D 174 55.08 0.12 -3.84
CA ASP D 174 54.07 -0.91 -3.65
C ASP D 174 53.16 -0.47 -2.51
N THR D 175 51.92 -0.93 -2.57
CA THR D 175 50.99 -0.71 -1.47
C THR D 175 51.29 -1.68 -0.34
N CYS D 176 50.50 -1.62 0.73
CA CYS D 176 50.67 -2.54 1.84
C CYS D 176 49.34 -2.62 2.60
N GLN D 177 49.36 -3.28 3.75
CA GLN D 177 48.15 -3.44 4.54
C GLN D 177 47.67 -2.09 5.04
N GLY D 178 46.35 -1.94 5.13
CA GLY D 178 45.71 -0.69 5.47
C GLY D 178 45.19 0.08 4.26
N ASP D 179 45.89 -0.02 3.12
CA ASP D 179 45.45 0.61 1.89
C ASP D 179 44.43 -0.23 1.13
N SER D 180 43.99 -1.35 1.70
CA SER D 180 43.04 -2.20 1.01
C SER D 180 41.70 -1.52 0.89
N GLY D 181 41.04 -1.73 -0.25
CA GLY D 181 39.91 -0.93 -0.64
C GLY D 181 40.28 0.36 -1.34
N GLY D 182 41.56 0.72 -1.38
CA GLY D 182 42.00 1.97 -1.94
C GLY D 182 42.09 1.94 -3.45
N PRO D 183 42.45 3.09 -4.02
CA PRO D 183 42.43 3.24 -5.47
C PRO D 183 43.74 2.90 -6.16
N LEU D 184 43.59 2.40 -7.39
CA LEU D 184 44.71 2.21 -8.32
C LEU D 184 44.39 3.07 -9.53
N VAL D 185 45.03 4.24 -9.62
CA VAL D 185 44.71 5.25 -10.62
C VAL D 185 45.70 5.14 -11.76
N CYS D 186 45.18 5.07 -13.00
CA CYS D 186 46.01 4.99 -14.20
C CYS D 186 45.40 5.90 -15.25
N ASP D 187 46.12 6.98 -15.59
CA ASP D 187 45.66 7.98 -16.55
C ASP D 187 44.32 8.58 -16.12
N GLY D 188 44.19 8.87 -14.84
CA GLY D 188 43.05 9.59 -14.33
C GLY D 188 41.80 8.80 -14.08
N ALA D 189 41.85 7.47 -14.19
CA ALA D 189 40.67 6.63 -14.00
C ALA D 189 40.98 5.51 -13.01
N LEU D 190 39.95 5.09 -12.29
CA LEU D 190 40.09 4.03 -11.30
C LEU D 190 40.22 2.68 -12.00
N GLN D 191 41.42 2.10 -11.95
CA GLN D 191 41.67 0.83 -12.61
C GLN D 191 41.61 -0.37 -11.68
N GLY D 192 41.73 -0.16 -10.37
CA GLY D 192 41.74 -1.30 -9.46
C GLY D 192 41.51 -0.88 -8.03
N ILE D 193 41.00 -1.84 -7.26
CA ILE D 193 40.92 -1.75 -5.81
C ILE D 193 42.06 -2.58 -5.24
N THR D 194 42.81 -2.00 -4.30
CA THR D 194 43.94 -2.70 -3.70
C THR D 194 43.41 -3.87 -2.88
N SER D 195 43.75 -5.09 -3.30
CA SER D 195 43.16 -6.29 -2.72
C SER D 195 44.17 -7.07 -1.88
N TRP D 196 45.32 -7.42 -2.43
CA TRP D 196 46.30 -8.21 -1.69
C TRP D 196 47.63 -8.18 -2.43
N GLY D 197 48.59 -8.92 -1.91
CA GLY D 197 49.92 -8.94 -2.49
C GLY D 197 50.81 -9.85 -1.68
N SER D 198 52.13 -9.68 -1.85
CA SER D 198 53.08 -10.51 -1.12
C SER D 198 53.28 -9.98 0.29
N ASP D 199 54.06 -10.71 1.07
CA ASP D 199 54.48 -10.26 2.40
C ASP D 199 55.93 -10.69 2.64
N PRO D 200 56.84 -9.74 2.90
CA PRO D 200 56.56 -8.31 3.08
C PRO D 200 56.31 -7.53 1.78
N CYS D 201 55.68 -6.36 1.91
CA CYS D 201 55.37 -5.53 0.76
C CYS D 201 56.64 -4.98 0.12
N GLY D 202 56.50 -4.50 -1.11
CA GLY D 202 57.57 -3.81 -1.80
C GLY D 202 58.59 -4.69 -2.50
N ARG D 203 58.52 -6.01 -2.33
CA ARG D 203 59.50 -6.90 -2.93
C ARG D 203 59.55 -6.71 -4.45
N SER D 204 60.74 -6.46 -4.97
CA SER D 204 60.94 -6.29 -6.41
C SER D 204 60.61 -7.54 -7.19
N ASP D 205 60.32 -8.66 -6.51
CA ASP D 205 59.93 -9.91 -7.15
C ASP D 205 58.41 -10.00 -7.35
N LYS D 206 57.65 -9.80 -6.27
CA LYS D 206 56.20 -9.95 -6.31
C LYS D 206 55.54 -8.58 -6.35
N PRO D 207 54.75 -8.27 -7.38
CA PRO D 207 54.01 -7.02 -7.39
C PRO D 207 52.72 -7.13 -6.58
N GLY D 208 52.04 -6.00 -6.44
CA GLY D 208 50.77 -5.98 -5.74
C GLY D 208 49.61 -6.40 -6.62
N VAL D 209 48.62 -7.03 -6.01
CA VAL D 209 47.47 -7.58 -6.71
C VAL D 209 46.25 -6.73 -6.39
N TYR D 210 45.48 -6.39 -7.41
CA TYR D 210 44.36 -5.47 -7.29
C TYR D 210 43.15 -6.05 -8.02
N THR D 211 41.97 -5.85 -7.44
CA THR D 211 40.74 -6.23 -8.12
C THR D 211 40.62 -5.39 -9.38
N ASN D 212 40.73 -6.02 -10.55
CA ASN D 212 40.69 -5.30 -11.81
C ASN D 212 39.27 -4.80 -12.06
N ILE D 213 39.06 -3.50 -11.89
CA ILE D 213 37.72 -2.92 -12.02
C ILE D 213 37.20 -3.07 -13.44
N CYS D 214 38.08 -3.15 -14.43
CA CYS D 214 37.65 -3.27 -15.82
C CYS D 214 36.98 -4.61 -16.11
N ARG D 215 36.83 -5.49 -15.13
CA ARG D 215 36.09 -6.73 -15.28
C ARG D 215 34.82 -6.78 -14.43
N TYR D 216 34.54 -5.73 -13.65
CA TYR D 216 33.39 -5.71 -12.75
C TYR D 216 32.47 -4.52 -13.00
N LEU D 217 32.60 -3.87 -14.16
CA LEU D 217 31.78 -2.70 -14.44
C LEU D 217 30.30 -3.02 -14.41
N ASP D 218 29.92 -4.23 -14.84
CA ASP D 218 28.50 -4.58 -14.91
C ASP D 218 27.87 -4.62 -13.51
N TRP D 219 28.59 -5.17 -12.53
CA TRP D 219 28.01 -5.31 -11.20
C TRP D 219 28.02 -3.99 -10.44
N ILE D 220 29.12 -3.24 -10.53
CA ILE D 220 29.21 -1.95 -9.87
C ILE D 220 28.15 -0.99 -10.41
N LYS D 221 28.14 -0.78 -11.73
CA LYS D 221 27.16 0.11 -12.34
C LYS D 221 25.73 -0.35 -12.07
N LYS D 222 25.52 -1.64 -11.88
CA LYS D 222 24.17 -2.15 -11.65
C LYS D 222 23.62 -1.69 -10.31
N ILE D 223 24.48 -1.61 -9.30
CA ILE D 223 24.04 -1.24 -7.96
C ILE D 223 24.02 0.27 -7.77
N ILE D 224 25.01 0.97 -8.31
CA ILE D 224 25.08 2.42 -8.19
C ILE D 224 23.82 3.07 -8.74
N GLY D 225 23.31 2.55 -9.85
CA GLY D 225 22.20 3.20 -10.52
C GLY D 225 20.86 2.49 -10.43
N SER D 226 20.72 1.53 -9.52
CA SER D 226 19.42 0.90 -9.29
C SER D 226 18.94 1.07 -7.86
N LYS D 227 19.74 0.68 -6.88
CA LYS D 227 19.27 0.69 -5.49
C LYS D 227 19.34 2.10 -4.90
N GLY D 228 20.53 2.69 -4.87
CA GLY D 228 20.71 4.03 -4.36
C GLY D 228 20.16 5.09 -5.28
N LEU E 2 12.17 22.15 16.73
CA LEU E 2 10.82 22.30 16.16
C LEU E 2 10.47 21.03 15.39
N LEU E 3 10.24 21.17 14.09
CA LEU E 3 9.81 20.08 13.23
C LEU E 3 10.73 18.86 13.31
N LEU F 2 1.56 -21.11 -11.88
CA LEU F 2 0.56 -20.38 -11.09
C LEU F 2 -0.39 -19.35 -11.75
N LEU F 3 -1.58 -19.25 -11.15
CA LEU F 3 -2.58 -18.22 -11.40
C LEU F 3 -2.08 -16.86 -10.89
N LEU G 2 -37.11 14.31 2.69
CA LEU G 2 -36.31 13.50 1.79
C LEU G 2 -36.93 12.10 1.68
N LEU G 3 -37.59 11.80 0.63
CA LEU G 3 -38.23 10.50 0.49
C LEU G 3 -37.23 9.30 0.31
N LEU H 2 49.43 -11.98 2.21
CA LEU H 2 48.18 -11.52 2.79
C LEU H 2 47.38 -10.44 2.06
N LEU H 3 46.13 -10.28 2.51
CA LEU H 3 45.25 -9.22 2.05
C LEU H 3 45.68 -7.86 2.55
#